data_2FZA
# 
_entry.id   2FZA 
# 
_audit_conform.dict_name       mmcif_pdbx.dic 
_audit_conform.dict_version    5.388 
_audit_conform.dict_location   http://mmcif.pdb.org/dictionaries/ascii/mmcif_pdbx.dic 
# 
loop_
_database_2.database_id 
_database_2.database_code 
_database_2.pdbx_database_accession 
_database_2.pdbx_DOI 
PDB   2FZA         pdb_00002fza 10.2210/pdb2fza/pdb 
NDB   UD0064       ?            ?                   
RCSB  RCSB036490   ?            ?                   
WWPDB D_1000036490 ?            ?                   
# 
loop_
_pdbx_audit_revision_history.ordinal 
_pdbx_audit_revision_history.data_content_type 
_pdbx_audit_revision_history.major_revision 
_pdbx_audit_revision_history.minor_revision 
_pdbx_audit_revision_history.revision_date 
1 'Structure model' 1 0 2007-01-23 
2 'Structure model' 1 1 2008-05-01 
3 'Structure model' 1 2 2011-07-13 
4 'Structure model' 1 3 2017-10-18 
5 'Structure model' 1 4 2024-03-13 
# 
_pdbx_audit_revision_details.ordinal             1 
_pdbx_audit_revision_details.revision_ordinal    1 
_pdbx_audit_revision_details.data_content_type   'Structure model' 
_pdbx_audit_revision_details.provider            repository 
_pdbx_audit_revision_details.type                'Initial release' 
_pdbx_audit_revision_details.description         ? 
_pdbx_audit_revision_details.details             ? 
# 
loop_
_pdbx_audit_revision_group.ordinal 
_pdbx_audit_revision_group.revision_ordinal 
_pdbx_audit_revision_group.data_content_type 
_pdbx_audit_revision_group.group 
1 2 'Structure model' 'Version format compliance' 
2 3 'Structure model' 'Version format compliance' 
3 4 'Structure model' 'Refinement description'    
4 5 'Structure model' 'Data collection'           
5 5 'Structure model' 'Database references'       
6 5 'Structure model' 'Derived calculations'      
# 
loop_
_pdbx_audit_revision_category.ordinal 
_pdbx_audit_revision_category.revision_ordinal 
_pdbx_audit_revision_category.data_content_type 
_pdbx_audit_revision_category.category 
1 4 'Structure model' software       
2 5 'Structure model' chem_comp_atom 
3 5 'Structure model' chem_comp_bond 
4 5 'Structure model' database_2     
5 5 'Structure model' struct_conn    
6 5 'Structure model' struct_site    
# 
loop_
_pdbx_audit_revision_item.ordinal 
_pdbx_audit_revision_item.revision_ordinal 
_pdbx_audit_revision_item.data_content_type 
_pdbx_audit_revision_item.item 
1  4 'Structure model' '_software.classification'            
2  5 'Structure model' '_database_2.pdbx_DOI'                
3  5 'Structure model' '_database_2.pdbx_database_accession' 
4  5 'Structure model' '_struct_conn.pdbx_leaving_atom_flag' 
5  5 'Structure model' '_struct_conn.ptnr1_auth_asym_id'     
6  5 'Structure model' '_struct_conn.ptnr1_auth_comp_id'     
7  5 'Structure model' '_struct_conn.ptnr1_auth_seq_id'      
8  5 'Structure model' '_struct_conn.ptnr1_label_asym_id'    
9  5 'Structure model' '_struct_conn.ptnr1_label_atom_id'    
10 5 'Structure model' '_struct_conn.ptnr1_label_comp_id'    
11 5 'Structure model' '_struct_conn.ptnr1_label_seq_id'     
12 5 'Structure model' '_struct_conn.ptnr2_auth_asym_id'     
13 5 'Structure model' '_struct_conn.ptnr2_auth_comp_id'     
14 5 'Structure model' '_struct_conn.ptnr2_auth_seq_id'      
15 5 'Structure model' '_struct_conn.ptnr2_label_asym_id'    
16 5 'Structure model' '_struct_conn.ptnr2_label_atom_id'    
17 5 'Structure model' '_struct_conn.ptnr2_label_comp_id'    
18 5 'Structure model' '_struct_conn.ptnr2_label_seq_id'     
19 5 'Structure model' '_struct_site.pdbx_auth_asym_id'      
20 5 'Structure model' '_struct_site.pdbx_auth_comp_id'      
21 5 'Structure model' '_struct_site.pdbx_auth_seq_id'       
# 
_pdbx_database_status.entry_id                        2FZA 
_pdbx_database_status.deposit_site                    RCSB 
_pdbx_database_status.process_site                    PDBJ 
_pdbx_database_status.recvd_initial_deposition_date   2006-02-09 
_pdbx_database_status.status_code                     REL 
_pdbx_database_status.status_code_sf                  ? 
_pdbx_database_status.status_code_mr                  ? 
_pdbx_database_status.SG_entry                        ? 
_pdbx_database_status.pdb_format_compatible           Y 
_pdbx_database_status.status_code_cs                  ? 
_pdbx_database_status.methods_development_category    ? 
_pdbx_database_status.status_code_nmr_data            ? 
# 
loop_
_pdbx_database_related.db_name 
_pdbx_database_related.db_id 
_pdbx_database_related.details 
_pdbx_database_related.content_type 
PDB 1UHX 'Original sequence crystallized under condition containing hexammine cobalt chloride.' unspecified 
PDB 1V3P 'Original sequence crystallized under lower potassium concentration.'                  unspecified 
PDB 1V3O 'Original sequence crystallized under higher potassium concentration.'                 unspecified 
PDB 1V3N 'Original sequence crystallized under higher potassium concentration.'                 unspecified 
PDB 1UE3 'Crystal structure used as a model in AMoRe.'                                          unspecified 
# 
loop_
_audit_author.name 
_audit_author.pdbx_ordinal 
'Kondo, J.'     1 
'Ciengshin, T.' 2 
'Juan, E.C.M.'  3 
'Mitomi, K.'    4 
'Takenaka, A.'  5 
# 
_citation.id                        primary 
_citation.title                     
;Crystal structure of d(gcGXGAgc) with X=G: a mutation at X is possible to occur in a base-intercalated duplex for multiplex formation
;
_citation.journal_abbrev            'Nucleosides Nucleotides Nucleic Acids' 
_citation.journal_volume            25 
_citation.page_first                693 
_citation.page_last                 704 
_citation.year                      2006 
_citation.journal_id_ASTM           ? 
_citation.country                   US 
_citation.journal_id_ISSN           1525-7770 
_citation.journal_id_CSD            ? 
_citation.book_publisher            ? 
_citation.pdbx_database_id_PubMed   16838856 
_citation.pdbx_database_id_DOI      10.1080/15257770600686543 
# 
loop_
_citation_author.citation_id 
_citation_author.name 
_citation_author.ordinal 
_citation_author.identifier_ORCID 
primary 'Kondo, J.'     1 ? 
primary 'Ciengshin, T.' 2 ? 
primary 'Juan, E.C.M.'  3 ? 
primary 'Sato, Y.'      4 ? 
primary 'Mitomi, K.'    5 ? 
primary 'Shimizu, S.'   6 ? 
primary 'Takenaka, A.'  7 ? 
# 
loop_
_entity.id 
_entity.type 
_entity.src_method 
_entity.pdbx_description 
_entity.formula_weight 
_entity.pdbx_number_of_molecules 
_entity.pdbx_ec 
_entity.pdbx_mutation 
_entity.pdbx_fragment 
_entity.details 
1 polymer     syn "5'-D(*GP*(CBR)P*GP*GP*GP*AP*GP*C)-3'" 2571.538 2 ? ? ? ? 
2 non-polymer syn 'CALCIUM ION'                          40.078   2 ? ? ? ? 
3 non-polymer syn 'SODIUM ION'                           22.990   5 ? ? ? ? 
4 water       nat water                                  18.015   2 ? ? ? ? 
# 
_entity_poly.entity_id                      1 
_entity_poly.type                           polydeoxyribonucleotide 
_entity_poly.nstd_linkage                   no 
_entity_poly.nstd_monomer                   yes 
_entity_poly.pdbx_seq_one_letter_code       '(DG)(CBR)(DG)(DG)(DG)(DA)(DG)(DC)' 
_entity_poly.pdbx_seq_one_letter_code_can   GCGGGAGC 
_entity_poly.pdbx_strand_id                 A,B 
_entity_poly.pdbx_target_identifier         ? 
# 
loop_
_pdbx_entity_nonpoly.entity_id 
_pdbx_entity_nonpoly.name 
_pdbx_entity_nonpoly.comp_id 
2 'CALCIUM ION' CA  
3 'SODIUM ION'  NA  
4 water         HOH 
# 
loop_
_entity_poly_seq.entity_id 
_entity_poly_seq.num 
_entity_poly_seq.mon_id 
_entity_poly_seq.hetero 
1 1 DG  n 
1 2 CBR n 
1 3 DG  n 
1 4 DG  n 
1 5 DG  n 
1 6 DA  n 
1 7 DG  n 
1 8 DC  n 
# 
_pdbx_entity_src_syn.entity_id              1 
_pdbx_entity_src_syn.pdbx_src_id            1 
_pdbx_entity_src_syn.pdbx_alt_source_flag   sample 
_pdbx_entity_src_syn.pdbx_beg_seq_num       ? 
_pdbx_entity_src_syn.pdbx_end_seq_num       ? 
_pdbx_entity_src_syn.organism_scientific    ? 
_pdbx_entity_src_syn.organism_common_name   ? 
_pdbx_entity_src_syn.ncbi_taxonomy_id       ? 
_pdbx_entity_src_syn.details                'chemically synthesized' 
# 
loop_
_chem_comp.id 
_chem_comp.type 
_chem_comp.mon_nstd_flag 
_chem_comp.name 
_chem_comp.pdbx_synonyms 
_chem_comp.formula 
_chem_comp.formula_weight 
CA  non-polymer   . 'CALCIUM ION'                                ? 'Ca 2'              40.078  
CBR 'DNA linking' n "5-BROMO-2'-DEOXY-CYTIDINE-5'-MONOPHOSPHATE" ? 'C9 H13 Br N3 O7 P' 386.093 
DA  'DNA linking' y "2'-DEOXYADENOSINE-5'-MONOPHOSPHATE"         ? 'C10 H14 N5 O6 P'   331.222 
DC  'DNA linking' y "2'-DEOXYCYTIDINE-5'-MONOPHOSPHATE"          ? 'C9 H14 N3 O7 P'    307.197 
DG  'DNA linking' y "2'-DEOXYGUANOSINE-5'-MONOPHOSPHATE"         ? 'C10 H14 N5 O7 P'   347.221 
HOH non-polymer   . WATER                                        ? 'H2 O'              18.015  
NA  non-polymer   . 'SODIUM ION'                                 ? 'Na 1'              22.990  
# 
loop_
_pdbx_poly_seq_scheme.asym_id 
_pdbx_poly_seq_scheme.entity_id 
_pdbx_poly_seq_scheme.seq_id 
_pdbx_poly_seq_scheme.mon_id 
_pdbx_poly_seq_scheme.ndb_seq_num 
_pdbx_poly_seq_scheme.pdb_seq_num 
_pdbx_poly_seq_scheme.auth_seq_num 
_pdbx_poly_seq_scheme.pdb_mon_id 
_pdbx_poly_seq_scheme.auth_mon_id 
_pdbx_poly_seq_scheme.pdb_strand_id 
_pdbx_poly_seq_scheme.pdb_ins_code 
_pdbx_poly_seq_scheme.hetero 
A 1 1 DG  1 1 1 DG  GUA A . n 
A 1 2 CBR 2 2 2 CBR CYT A . n 
A 1 3 DG  3 3 3 DG  GUA A . n 
A 1 4 DG  4 4 4 DG  GUA A . n 
A 1 5 DG  5 5 5 DG  GUA A . n 
A 1 6 DA  6 6 6 DA  ADE A . n 
A 1 7 DG  7 7 7 DG  GUA A . n 
A 1 8 DC  8 8 8 DC  CYT A . n 
B 1 1 DG  1 1 1 DG  GUA B . n 
B 1 2 CBR 2 2 2 CBR CYT B . n 
B 1 3 DG  3 3 3 DG  GUA B . n 
B 1 4 DG  4 4 4 DG  GUA B . n 
B 1 5 DG  5 5 5 DG  GUA B . n 
B 1 6 DA  6 6 6 DA  ADE B . n 
B 1 7 DG  7 7 7 DG  GUA B . n 
B 1 8 DC  8 8 8 DC  CYT B . n 
# 
loop_
_pdbx_nonpoly_scheme.asym_id 
_pdbx_nonpoly_scheme.entity_id 
_pdbx_nonpoly_scheme.mon_id 
_pdbx_nonpoly_scheme.ndb_seq_num 
_pdbx_nonpoly_scheme.pdb_seq_num 
_pdbx_nonpoly_scheme.auth_seq_num 
_pdbx_nonpoly_scheme.pdb_mon_id 
_pdbx_nonpoly_scheme.auth_mon_id 
_pdbx_nonpoly_scheme.pdb_strand_id 
_pdbx_nonpoly_scheme.pdb_ins_code 
C 2 CA  1 11 11 CA  CA  A . 
D 3 NA  1 13 13 NA  NA  A . 
E 3 NA  1 15 15 NA  NA  A . 
F 3 NA  1 21 21 NA  NA  A . 
G 2 CA  1 12 12 CA  CA  B . 
H 3 NA  1 14 14 NA  NA  B . 
I 3 NA  1 22 22 NA  NA  B . 
J 4 HOH 1 32 32 HOH HOH A . 
K 4 HOH 1 31 31 HOH HOH B . 
# 
loop_
_software.name 
_software.version 
_software.date 
_software.type 
_software.contact_author 
_software.contact_author_email 
_software.classification 
_software.location 
_software.language 
_software.citation_id 
_software.pdbx_ordinal 
SCALA       .         ?              program 'Phil Evans'      pre@mrc-lmb.cam.ac.uk    'data scaling'    
http://www.ccp4.ac.uk/dist/html/INDEX.html Fortran    ? 1 
CNS         .         ?              package 'Axel T. Brunger' axel.brunger@yale.edu    refinement        
http://cns.csb.yale.edu/v1.1/              Fortran_77 ? 2 
PDB_EXTRACT 1.701     'Nov. 1, 2005' package PDB               sw-help@rcsb.rutgers.edu 'data extraction' 
http://pdb.rutgers.edu/software/           C++        ? 3 
MOSFLM      .         ?              ?       ?                 ?                        'data reduction'  ? ?          ? 4 
CCP4        '(SCALA)' ?              ?       ?                 ?                        'data scaling'    ? ?          ? 5 
AMoRE       .         ?              ?       ?                 ?                        phasing           ? ?          ? 6 
# 
_cell.length_a           36.368 
_cell.length_b           36.368 
_cell.length_c           62.826 
_cell.angle_alpha        90.00 
_cell.angle_beta         90.00 
_cell.angle_gamma        120.00 
_cell.entry_id           2FZA 
_cell.pdbx_unique_axis   ? 
_cell.Z_PDB              12 
_cell.length_a_esd       ? 
_cell.length_b_esd       ? 
_cell.length_c_esd       ? 
_cell.angle_alpha_esd    ? 
_cell.angle_beta_esd     ? 
_cell.angle_gamma_esd    ? 
# 
_symmetry.space_group_name_H-M             'P 63' 
_symmetry.entry_id                         2FZA 
_symmetry.pdbx_full_space_group_name_H-M   ? 
_symmetry.Int_Tables_number                173 
_symmetry.cell_setting                     ? 
_symmetry.space_group_name_Hall            ? 
# 
_exptl.entry_id          2FZA 
_exptl.crystals_number   1 
_exptl.method            'X-RAY DIFFRACTION' 
# 
_exptl_crystal.id                    1 
_exptl_crystal.density_Matthews      2.23 
_exptl_crystal.density_meas          ? 
_exptl_crystal.density_percent_sol   44.96 
_exptl_crystal.description           ? 
_exptl_crystal.F_000                 ? 
_exptl_crystal.preparation           ? 
# 
_exptl_crystal_grow.crystal_id      1 
_exptl_crystal_grow.method          'VAPOR DIFFUSION, HANGING DROP' 
_exptl_crystal_grow.pH              7.0 
_exptl_crystal_grow.temp            293 
_exptl_crystal_grow.temp_details    ? 
_exptl_crystal_grow.pdbx_details    
;50mM sodium cacodylate, 10mM spermine tetrahydrochloride, 20mM calcium chloride, 100mM sodium chloride, 10%(v/v) 2-methyl-2,4-pentanediol, pH 7.0, VAPOR DIFFUSION, HANGING DROP, temperature 293K
;
_exptl_crystal_grow.pdbx_pH_range   . 
# 
loop_
_exptl_crystal_grow_comp.crystal_id 
_exptl_crystal_grow_comp.id 
_exptl_crystal_grow_comp.sol_id 
_exptl_crystal_grow_comp.name 
_exptl_crystal_grow_comp.volume 
_exptl_crystal_grow_comp.conc 
_exptl_crystal_grow_comp.details 
1 1  1 'sodium cacodylate'           ? ? ? 
1 2  1 'spermine tetrahydrochloride' ? ? ? 
1 3  1 'calcium chloride'            ? ? ? 
1 4  1 'sodium chloride'             ? ? ? 
1 5  1 2-methyl-2,4-pentanediol      ? ? ? 
1 6  1 HOH                           ? ? ? 
1 7  2 'sodium cacodylate'           ? ? ? 
1 8  2 'calcium chloride'            ? ? ? 
1 9  2 'sodium chloride'             ? ? ? 
1 10 2 HOH                           ? ? ? 
# 
_diffrn.id                     1 
_diffrn.ambient_temp           ? 
_diffrn.ambient_temp_details   ? 
_diffrn.crystal_id             1 
# 
_diffrn_detector.diffrn_id              1 
_diffrn_detector.detector               CCD 
_diffrn_detector.type                   'MAC Science DIP-2040' 
_diffrn_detector.pdbx_collection_date   2003-06-03 
_diffrn_detector.details                ? 
# 
_diffrn_radiation.diffrn_id                        1 
_diffrn_radiation.wavelength_id                    1 
_diffrn_radiation.pdbx_diffrn_protocol             'SINGLE WAVELENGTH' 
_diffrn_radiation.monochromator                    'ROTATED-INCLINED SI(111) DOUBLE CRYSTAL MONOCHROMATOR' 
_diffrn_radiation.pdbx_monochromatic_or_laue_m_l   M 
_diffrn_radiation.pdbx_scattering_type             x-ray 
# 
_diffrn_radiation_wavelength.id           1 
_diffrn_radiation_wavelength.wavelength   0.900 
_diffrn_radiation_wavelength.wt           1.0 
# 
_diffrn_source.diffrn_id                   1 
_diffrn_source.source                      SYNCHROTRON 
_diffrn_source.type                        'SPRING-8 BEAMLINE BL44XU' 
_diffrn_source.pdbx_wavelength             ? 
_diffrn_source.pdbx_wavelength_list        0.900 
_diffrn_source.pdbx_synchrotron_site       SPring-8 
_diffrn_source.pdbx_synchrotron_beamline   BL44XU 
# 
_reflns.entry_id                     2FZA 
_reflns.d_resolution_high            3.605 
_reflns.d_resolution_low             31.496 
_reflns.number_obs                   525 
_reflns.pdbx_Rmerge_I_obs            0.112 
_reflns.pdbx_netI_over_sigmaI        3.100 
_reflns.pdbx_Rsym_value              0.112 
_reflns.pdbx_redundancy              14.500 
_reflns.percent_possible_obs         93.600 
_reflns.observed_criterion_sigma_F   ? 
_reflns.observed_criterion_sigma_I   ? 
_reflns.number_all                   ? 
_reflns.B_iso_Wilson_estimate        ? 
_reflns.R_free_details               ? 
_reflns.pdbx_chi_squared             ? 
_reflns.pdbx_scaling_rejects         ? 
_reflns.pdbx_diffrn_id               1 
_reflns.pdbx_ordinal                 1 
# 
loop_
_reflns_shell.d_res_high 
_reflns_shell.d_res_low 
_reflns_shell.number_measured_obs 
_reflns_shell.number_measured_all 
_reflns_shell.number_unique_obs 
_reflns_shell.Rmerge_I_obs 
_reflns_shell.meanI_over_sigI_obs 
_reflns_shell.pdbx_Rsym_value 
_reflns_shell.pdbx_chi_squared 
_reflns_shell.pdbx_redundancy 
_reflns_shell.percent_possible_obs 
_reflns_shell.number_unique_all 
_reflns_shell.percent_possible_all 
_reflns_shell.pdbx_diffrn_id 
_reflns_shell.pdbx_ordinal 
3.60  3.79  ? 689 45 0.293 2.5 0.293 ? 15.30 95.30 ? ? ? 1  
3.79  4.02  ? 753 46 0.349 2.2 0.349 ? 16.40 92.40 ? ? ? 2  
4.02  4.30  ? 548 35 0.19  3.8 0.19  ? 15.70 91.40 ? ? ? 3  
4.30  4.65  ? 661 44 0.142 4.6 0.142 ? 15.00 94.10 ? ? ? 4  
4.65  5.09  ? 523 33 0.127 5.0 0.127 ? 15.80 92.70 ? ? ? 5  
5.09  5.69  ? 508 36 0.097 6.7 0.097 ? 14.10 94.40 ? ? ? 6  
5.69  6.57  ? 436 33 0.107 6.4 0.107 ? 13.20 95.20 ? ? ? 7  
6.57  8.05  ? 338 27 0.104 5.5 0.104 ? 12.50 94.00 ? ? ? 8  
8.05  11.38 ? 295 23 0.1   5.5 0.1   ? 12.80 92.60 ? ? ? 9  
11.38 31.50 ? 148 17 0.082 5.7 0.082 ? 8.70  94.70 ? ? ? 10 
# 
_refine.ls_d_res_high                            3.600 
_refine.ls_d_res_low                             10.000 
_refine.pdbx_ls_sigma_F                          3.0 
_refine.ls_percent_reflns_obs                    85.600 
_refine.ls_number_reflns_obs                     458 
_refine.ls_R_factor_R_work                       0.294 
_refine.ls_R_factor_R_free                       0.329 
_refine.ls_percent_reflns_R_free                 12.300 
_refine.ls_number_reflns_R_free                  66 
_refine.B_iso_mean                               ? 
_refine.solvent_model_param_bsol                 300.000 
_refine.aniso_B[1][1]                            ? 
_refine.aniso_B[2][2]                            ? 
_refine.aniso_B[3][3]                            ? 
_refine.aniso_B[1][2]                            ? 
_refine.aniso_B[1][3]                            ? 
_refine.aniso_B[2][3]                            ? 
_refine.overall_FOM_work_R_set                   0.831 
_refine.entry_id                                 2FZA 
_refine.pdbx_ls_sigma_I                          ? 
_refine.ls_number_reflns_all                     ? 
_refine.ls_R_factor_all                          ? 
_refine.ls_R_factor_obs                          ? 
_refine.ls_redundancy_reflns_obs                 ? 
_refine.pdbx_data_cutoff_high_absF               ? 
_refine.pdbx_data_cutoff_low_absF                ? 
_refine.ls_number_parameters                     ? 
_refine.ls_number_restraints                     ? 
_refine.ls_R_factor_R_free_error                 ? 
_refine.ls_R_factor_R_free_error_details         ? 
_refine.pdbx_method_to_determine_struct          'MOLECULAR REPLACEMENT' 
_refine.pdbx_starting_model                      ? 
_refine.pdbx_ls_cross_valid_method               ? 
_refine.pdbx_R_Free_selection_details            RANDOM 
_refine.pdbx_stereochem_target_val_spec_case     ? 
_refine.pdbx_stereochemistry_target_values       
;G. Parkinson, J. Vojtechovsky, L. Clowney, A.T. Brunger, H.M. Berman, New Parameters for the Refinement of Nucleic Acid Containing Structures, Acta Cryst. D52, 57-64 (1996).
;
_refine.solvent_model_details                    ? 
_refine.solvent_model_param_ksol                 ? 
_refine.occupancy_max                            ? 
_refine.occupancy_min                            ? 
_refine.pdbx_isotropic_thermal_model             ? 
_refine.details                                  ? 
_refine.correlation_coeff_Fo_to_Fc               ? 
_refine.correlation_coeff_Fo_to_Fc_free          ? 
_refine.pdbx_solvent_vdw_probe_radii             ? 
_refine.pdbx_solvent_ion_probe_radii             ? 
_refine.pdbx_solvent_shrinkage_radii             ? 
_refine.overall_SU_R_Cruickshank_DPI             ? 
_refine.overall_SU_R_free                        ? 
_refine.overall_SU_ML                            ? 
_refine.overall_SU_B                             ? 
_refine.pdbx_overall_ESU_R_Free                  ? 
_refine.pdbx_data_cutoff_high_rms_absF           ? 
_refine.pdbx_overall_ESU_R                       ? 
_refine.ls_wR_factor_R_free                      ? 
_refine.ls_wR_factor_R_work                      ? 
_refine.overall_FOM_free_R_set                   ? 
_refine.pdbx_refine_id                           'X-RAY DIFFRACTION' 
_refine.pdbx_diffrn_id                           1 
_refine.pdbx_TLS_residual_ADP_flag               ? 
_refine.pdbx_overall_phase_error                 ? 
_refine.pdbx_overall_SU_R_free_Cruickshank_DPI   ? 
_refine.pdbx_overall_SU_R_Blow_DPI               ? 
_refine.pdbx_overall_SU_R_free_Blow_DPI          ? 
# 
_refine_hist.pdbx_refine_id                   'X-RAY DIFFRACTION' 
_refine_hist.cycle_id                         LAST 
_refine_hist.pdbx_number_atoms_protein        0 
_refine_hist.pdbx_number_atoms_nucleic_acid   334 
_refine_hist.pdbx_number_atoms_ligand         7 
_refine_hist.number_atoms_solvent             2 
_refine_hist.number_atoms_total               343 
_refine_hist.d_res_high                       3.600 
_refine_hist.d_res_low                        10.000 
# 
loop_
_refine_ls_restr.type 
_refine_ls_restr.dev_ideal 
_refine_ls_restr.dev_ideal_target 
_refine_ls_restr.number 
_refine_ls_restr.weight 
_refine_ls_restr.pdbx_refine_id 
_refine_ls_restr.pdbx_restraint_function 
c_bond_d           0.009 ? ? ? 'X-RAY DIFFRACTION' ? 
c_angle_deg        1.2   ? ? ? 'X-RAY DIFFRACTION' ? 
c_improper_angle_d 1.0   ? ? ? 'X-RAY DIFFRACTION' ? 
# 
loop_
_refine_ls_shell.d_res_high 
_refine_ls_shell.d_res_low 
_refine_ls_shell.pdbx_total_number_of_bins_used 
_refine_ls_shell.percent_reflns_obs 
_refine_ls_shell.number_reflns_R_work 
_refine_ls_shell.R_factor_all 
_refine_ls_shell.R_factor_R_work 
_refine_ls_shell.R_factor_R_free 
_refine_ls_shell.percent_reflns_R_free 
_refine_ls_shell.number_reflns_R_free 
_refine_ls_shell.R_factor_R_free_error 
_refine_ls_shell.number_reflns_all 
_refine_ls_shell.number_reflns_obs 
_refine_ls_shell.redundancy_reflns_obs 
_refine_ls_shell.pdbx_refine_id 
3.600 3.760  8 . 37 . 0.361 0.469 . 7  . . 44 . 'X-RAY DIFFRACTION' 
3.760 3.940  8 . 50 . 0.331 0.798 . 7  . . 57 . 'X-RAY DIFFRACTION' 
3.940 4.170  8 . 50 . 0.223 0.314 . 11 . . 61 . 'X-RAY DIFFRACTION' 
4.170 4.470  8 . 41 . 0.304 0.237 . 8  . . 49 . 'X-RAY DIFFRACTION' 
4.470 4.870  8 . 55 . 0.204 0.423 . 8  . . 63 . 'X-RAY DIFFRACTION' 
4.870 5.470  8 . 52 . 0.243 0.523 . 8  . . 60 . 'X-RAY DIFFRACTION' 
5.470 6.550  8 . 53 . 0.261 0.158 . 7  . . 60 . 'X-RAY DIFFRACTION' 
6.550 10.000 8 . 54 . 0.38  0.298 . 10 . . 64 . 'X-RAY DIFFRACTION' 
# 
loop_
_pdbx_xplor_file.serial_no 
_pdbx_xplor_file.param_file 
_pdbx_xplor_file.topol_file 
_pdbx_xplor_file.pdbx_refine_id 
1 dna_free.param  dna_free.top 'X-RAY DIFFRACTION' 
2 water_rep.param water.top    'X-RAY DIFFRACTION' 
3 brc_rep.param   brc.top      'X-RAY DIFFRACTION' 
4 ion.param       ion.top      'X-RAY DIFFRACTION' 
# 
_struct.entry_id                  2FZA 
_struct.title                     'Crystal structure of d(GCGGGAGC): the base-intercalated duplex' 
_struct.pdbx_model_details        ? 
_struct.pdbx_CASP_flag            ? 
_struct.pdbx_model_type_details   ? 
# 
_struct_keywords.entry_id        2FZA 
_struct_keywords.pdbx_keywords   DNA 
_struct_keywords.text            
'base-intercalated duplex, base-intercalated motif, sheared G:A pair, DNA, DNA hexaplex, deoxyribonucleic acid' 
# 
loop_
_struct_asym.id 
_struct_asym.pdbx_blank_PDB_chainid_flag 
_struct_asym.pdbx_modified 
_struct_asym.entity_id 
_struct_asym.details 
A N N 1 ? 
B N N 1 ? 
C N N 2 ? 
D N N 3 ? 
E N N 3 ? 
F N N 3 ? 
G N N 2 ? 
H N N 3 ? 
I N N 3 ? 
J N N 4 ? 
K N N 4 ? 
# 
_struct_ref.id                         1 
_struct_ref.entity_id                  1 
_struct_ref.db_name                    PDB 
_struct_ref.db_code                    2FZA 
_struct_ref.pdbx_db_accession          2FZA 
_struct_ref.pdbx_db_isoform            ? 
_struct_ref.pdbx_seq_one_letter_code   ? 
_struct_ref.pdbx_align_begin           ? 
# 
loop_
_struct_ref_seq.align_id 
_struct_ref_seq.ref_id 
_struct_ref_seq.pdbx_PDB_id_code 
_struct_ref_seq.pdbx_strand_id 
_struct_ref_seq.seq_align_beg 
_struct_ref_seq.pdbx_seq_align_beg_ins_code 
_struct_ref_seq.seq_align_end 
_struct_ref_seq.pdbx_seq_align_end_ins_code 
_struct_ref_seq.pdbx_db_accession 
_struct_ref_seq.db_align_beg 
_struct_ref_seq.pdbx_db_align_beg_ins_code 
_struct_ref_seq.db_align_end 
_struct_ref_seq.pdbx_db_align_end_ins_code 
_struct_ref_seq.pdbx_auth_seq_align_beg 
_struct_ref_seq.pdbx_auth_seq_align_end 
1 1 2FZA A 1 ? 8 ? 2FZA 1 ? 8 ? 1 8 
2 1 2FZA B 1 ? 8 ? 2FZA 1 ? 8 ? 1 8 
# 
_pdbx_struct_assembly.id                   1 
_pdbx_struct_assembly.details              author_defined_assembly 
_pdbx_struct_assembly.method_details       ? 
_pdbx_struct_assembly.oligomeric_details   hexameric 
_pdbx_struct_assembly.oligomeric_count     6 
# 
_pdbx_struct_assembly_gen.assembly_id       1 
_pdbx_struct_assembly_gen.oper_expression   1,2,3 
_pdbx_struct_assembly_gen.asym_id_list      A,B,C,D,E,F,G,H,I,J,K 
# 
loop_
_pdbx_struct_oper_list.id 
_pdbx_struct_oper_list.type 
_pdbx_struct_oper_list.name 
_pdbx_struct_oper_list.symmetry_operation 
_pdbx_struct_oper_list.matrix[1][1] 
_pdbx_struct_oper_list.matrix[1][2] 
_pdbx_struct_oper_list.matrix[1][3] 
_pdbx_struct_oper_list.vector[1] 
_pdbx_struct_oper_list.matrix[2][1] 
_pdbx_struct_oper_list.matrix[2][2] 
_pdbx_struct_oper_list.matrix[2][3] 
_pdbx_struct_oper_list.vector[2] 
_pdbx_struct_oper_list.matrix[3][1] 
_pdbx_struct_oper_list.matrix[3][2] 
_pdbx_struct_oper_list.matrix[3][3] 
_pdbx_struct_oper_list.vector[3] 
1 'identity operation'         1_555 x,y,z        1.0000000000 0.0000000000  0.0000000000  0.0000000000  0.0000000000  1.0000000000  0.0000000000  0.0000000000  0.0000000000  0.0000000000  1.0000000000  0.0000000000  
2 'crystal symmetry operation' 2_665 -y+1,x-y+1,z 0.7524217974 0.4654409902  -0.4660752337 -3.5406533716 -0.2210856063 -0.4880811812 -0.8443328225 13.1923139942 -0.6204696556 0.7383369456  -0.2643406162 -5.1955239262 
3 'crystal symmetry operation' 3_565 -x+y,-x+1,z  0.7524217974 -0.2210856063 -0.6204696556 2.3570305710  0.4654409902  -0.4880811812 0.7383369456  11.9229326746 -0.4660752337 -0.8443328225 -0.2643406162 8.1151048676 
# 
_struct_biol.id                    1 
_struct_biol.details               
'The biological assembly is a DNA hexaplex generate from the three DNA duplex (X,Y,Z),(-Y,X-Y,Z) and (-X+Y,-X,Z).' 
_struct_biol.pdbx_parent_biol_id   ? 
# 
loop_
_struct_conn.id 
_struct_conn.conn_type_id 
_struct_conn.pdbx_leaving_atom_flag 
_struct_conn.pdbx_PDB_id 
_struct_conn.ptnr1_label_asym_id 
_struct_conn.ptnr1_label_comp_id 
_struct_conn.ptnr1_label_seq_id 
_struct_conn.ptnr1_label_atom_id 
_struct_conn.pdbx_ptnr1_label_alt_id 
_struct_conn.pdbx_ptnr1_PDB_ins_code 
_struct_conn.pdbx_ptnr1_standard_comp_id 
_struct_conn.ptnr1_symmetry 
_struct_conn.ptnr2_label_asym_id 
_struct_conn.ptnr2_label_comp_id 
_struct_conn.ptnr2_label_seq_id 
_struct_conn.ptnr2_label_atom_id 
_struct_conn.pdbx_ptnr2_label_alt_id 
_struct_conn.pdbx_ptnr2_PDB_ins_code 
_struct_conn.ptnr1_auth_asym_id 
_struct_conn.ptnr1_auth_comp_id 
_struct_conn.ptnr1_auth_seq_id 
_struct_conn.ptnr2_auth_asym_id 
_struct_conn.ptnr2_auth_comp_id 
_struct_conn.ptnr2_auth_seq_id 
_struct_conn.ptnr2_symmetry 
_struct_conn.pdbx_ptnr3_label_atom_id 
_struct_conn.pdbx_ptnr3_label_seq_id 
_struct_conn.pdbx_ptnr3_label_comp_id 
_struct_conn.pdbx_ptnr3_label_asym_id 
_struct_conn.pdbx_ptnr3_label_alt_id 
_struct_conn.pdbx_ptnr3_PDB_ins_code 
_struct_conn.details 
_struct_conn.pdbx_dist_value 
_struct_conn.pdbx_value_order 
_struct_conn.pdbx_role 
covale1  covale both ? A DG  1 "O3'" ? ? ? 1_555 A CBR 2 P  ? ? A DG  1  A CBR 2  1_555 ? ? ? ? ? ? ?               1.609 ? ? 
covale2  covale both ? A CBR 2 "O3'" ? ? ? 1_555 A DG  3 P  ? ? A CBR 2  A DG  3  1_555 ? ? ? ? ? ? ?               1.604 ? ? 
covale3  covale both ? B DG  1 "O3'" ? ? ? 1_555 B CBR 2 P  ? ? B DG  1  B CBR 2  1_555 ? ? ? ? ? ? ?               1.611 ? ? 
covale4  covale both ? B CBR 2 "O3'" ? ? ? 1_555 B DG  3 P  ? ? B CBR 2  B DG  3  1_555 ? ? ? ? ? ? ?               1.606 ? ? 
metalc1  metalc ?    ? A DG  5 O6    ? ? ? 1_555 E NA  . NA ? ? A DG  5  A NA  15 1_555 ? ? ? ? ? ? ?               2.826 ? ? 
metalc2  metalc ?    ? A DG  7 N7    ? ? ? 1_555 F NA  . NA ? ? A DG  7  A NA  21 1_555 ? ? ? ? ? ? ?               2.879 ? ? 
metalc3  metalc ?    ? E NA  . NA    ? ? ? 1_555 B DG  5 O6 ? ? A NA  15 B DG  5  1_555 ? ? ? ? ? ? ?               2.795 ? ? 
metalc4  metalc ?    ? B DG  7 N7    ? ? ? 1_555 I NA  . NA ? ? B DG  7  B NA  22 1_555 ? ? ? ? ? ? ?               2.877 ? ? 
hydrog1  hydrog ?    ? A DG  1 O6    ? ? ? 1_555 B DG  7 N1 ? ? A DG  1  B DG  7  1_555 ? ? ? ? ? ? 'DG-DG MISPAIR' ?     ? ? 
hydrog2  hydrog ?    ? A DG  1 N1    ? ? ? 1_555 B DC  8 N3 ? ? A DG  1  B DC  8  1_555 ? ? ? ? ? ? WATSON-CRICK    ?     ? ? 
hydrog3  hydrog ?    ? A DG  1 N2    ? ? ? 1_555 B DC  8 O2 ? ? A DG  1  B DC  8  1_555 ? ? ? ? ? ? WATSON-CRICK    ?     ? ? 
hydrog4  hydrog ?    ? A DG  1 O6    ? ? ? 1_555 B DC  8 N4 ? ? A DG  1  B DC  8  1_555 ? ? ? ? ? ? WATSON-CRICK    ?     ? ? 
hydrog5  hydrog ?    ? A CBR 2 N3    ? ? ? 1_555 B DG  7 N1 ? ? A CBR 2  B DG  7  1_555 ? ? ? ? ? ? WATSON-CRICK    ?     ? ? 
hydrog6  hydrog ?    ? A CBR 2 N4    ? ? ? 1_555 B DG  7 O6 ? ? A CBR 2  B DG  7  1_555 ? ? ? ? ? ? WATSON-CRICK    ?     ? ? 
hydrog7  hydrog ?    ? A CBR 2 O2    ? ? ? 1_555 B DG  7 N2 ? ? A CBR 2  B DG  7  1_555 ? ? ? ? ? ? WATSON-CRICK    ?     ? ? 
hydrog8  hydrog ?    ? A DG  3 N2    ? ? ? 1_555 B DA  6 N7 ? ? A DG  3  B DA  6  1_555 ? ? ? ? ? ? TYPE_11_PAIR    ?     ? ? 
hydrog9  hydrog ?    ? A DG  3 N3    ? ? ? 1_555 B DA  6 N6 ? ? A DG  3  B DA  6  1_555 ? ? ? ? ? ? TYPE_11_PAIR    ?     ? ? 
hydrog10 hydrog ?    ? A DA  6 N6    ? ? ? 1_555 B DG  3 N3 ? ? A DA  6  B DG  3  1_555 ? ? ? ? ? ? TYPE_11_PAIR    ?     ? ? 
hydrog11 hydrog ?    ? A DA  6 N7    ? ? ? 1_555 B DG  3 N2 ? ? A DA  6  B DG  3  1_555 ? ? ? ? ? ? TYPE_11_PAIR    ?     ? ? 
hydrog12 hydrog ?    ? A DG  7 N1    ? ? ? 1_555 B DG  1 O6 ? ? A DG  7  B DG  1  1_555 ? ? ? ? ? ? 'DG-DG MISPAIR' ?     ? ? 
hydrog13 hydrog ?    ? A DG  7 N1    ? ? ? 1_555 B CBR 2 N3 ? ? A DG  7  B CBR 2  1_555 ? ? ? ? ? ? WATSON-CRICK    ?     ? ? 
hydrog14 hydrog ?    ? A DG  7 N2    ? ? ? 1_555 B CBR 2 O2 ? ? A DG  7  B CBR 2  1_555 ? ? ? ? ? ? WATSON-CRICK    ?     ? ? 
hydrog15 hydrog ?    ? A DG  7 O6    ? ? ? 1_555 B CBR 2 N4 ? ? A DG  7  B CBR 2  1_555 ? ? ? ? ? ? WATSON-CRICK    ?     ? ? 
hydrog16 hydrog ?    ? A DC  8 N3    ? ? ? 1_555 B DG  1 N1 ? ? A DC  8  B DG  1  1_555 ? ? ? ? ? ? WATSON-CRICK    ?     ? ? 
hydrog17 hydrog ?    ? A DC  8 N4    ? ? ? 1_555 B DG  1 O6 ? ? A DC  8  B DG  1  1_555 ? ? ? ? ? ? WATSON-CRICK    ?     ? ? 
hydrog18 hydrog ?    ? A DC  8 O2    ? ? ? 1_555 B DG  1 N2 ? ? A DC  8  B DG  1  1_555 ? ? ? ? ? ? WATSON-CRICK    ?     ? ? 
# 
loop_
_struct_conn_type.id 
_struct_conn_type.criteria 
_struct_conn_type.reference 
covale ? ? 
metalc ? ? 
hydrog ? ? 
# 
_pdbx_struct_conn_angle.id                    1 
_pdbx_struct_conn_angle.ptnr1_label_atom_id   O6 
_pdbx_struct_conn_angle.ptnr1_label_alt_id    ? 
_pdbx_struct_conn_angle.ptnr1_label_asym_id   A 
_pdbx_struct_conn_angle.ptnr1_label_comp_id   DG 
_pdbx_struct_conn_angle.ptnr1_label_seq_id    5 
_pdbx_struct_conn_angle.ptnr1_auth_atom_id    ? 
_pdbx_struct_conn_angle.ptnr1_auth_asym_id    A 
_pdbx_struct_conn_angle.ptnr1_auth_comp_id    DG 
_pdbx_struct_conn_angle.ptnr1_auth_seq_id     5 
_pdbx_struct_conn_angle.ptnr1_PDB_ins_code    ? 
_pdbx_struct_conn_angle.ptnr1_symmetry        1_555 
_pdbx_struct_conn_angle.ptnr2_label_atom_id   NA 
_pdbx_struct_conn_angle.ptnr2_label_alt_id    ? 
_pdbx_struct_conn_angle.ptnr2_label_asym_id   E 
_pdbx_struct_conn_angle.ptnr2_label_comp_id   NA 
_pdbx_struct_conn_angle.ptnr2_label_seq_id    . 
_pdbx_struct_conn_angle.ptnr2_auth_atom_id    ? 
_pdbx_struct_conn_angle.ptnr2_auth_asym_id    A 
_pdbx_struct_conn_angle.ptnr2_auth_comp_id    NA 
_pdbx_struct_conn_angle.ptnr2_auth_seq_id     15 
_pdbx_struct_conn_angle.ptnr2_PDB_ins_code    ? 
_pdbx_struct_conn_angle.ptnr2_symmetry        1_555 
_pdbx_struct_conn_angle.ptnr3_label_atom_id   O6 
_pdbx_struct_conn_angle.ptnr3_label_alt_id    ? 
_pdbx_struct_conn_angle.ptnr3_label_asym_id   B 
_pdbx_struct_conn_angle.ptnr3_label_comp_id   DG 
_pdbx_struct_conn_angle.ptnr3_label_seq_id    5 
_pdbx_struct_conn_angle.ptnr3_auth_atom_id    ? 
_pdbx_struct_conn_angle.ptnr3_auth_asym_id    B 
_pdbx_struct_conn_angle.ptnr3_auth_comp_id    DG 
_pdbx_struct_conn_angle.ptnr3_auth_seq_id     5 
_pdbx_struct_conn_angle.ptnr3_PDB_ins_code    ? 
_pdbx_struct_conn_angle.ptnr3_symmetry        1_555 
_pdbx_struct_conn_angle.value                 72.9 
_pdbx_struct_conn_angle.value_esd             ? 
# 
loop_
_struct_site.id 
_struct_site.pdbx_evidence_code 
_struct_site.pdbx_auth_asym_id 
_struct_site.pdbx_auth_comp_id 
_struct_site.pdbx_auth_seq_id 
_struct_site.pdbx_auth_ins_code 
_struct_site.pdbx_num_residues 
_struct_site.details 
AC1 Software B CA 12 ? 2 'BINDING SITE FOR RESIDUE CA B 12' 
AC2 Software A NA 13 ? 3 'BINDING SITE FOR RESIDUE NA A 13' 
AC3 Software B NA 14 ? 3 'BINDING SITE FOR RESIDUE NA B 14' 
AC4 Software A NA 15 ? 6 'BINDING SITE FOR RESIDUE NA A 15' 
AC5 Software A NA 21 ? 1 'BINDING SITE FOR RESIDUE NA A 21' 
AC6 Software B NA 22 ? 1 'BINDING SITE FOR RESIDUE NA B 22' 
# 
loop_
_struct_site_gen.id 
_struct_site_gen.site_id 
_struct_site_gen.pdbx_num_res 
_struct_site_gen.label_comp_id 
_struct_site_gen.label_asym_id 
_struct_site_gen.label_seq_id 
_struct_site_gen.pdbx_auth_ins_code 
_struct_site_gen.auth_comp_id 
_struct_site_gen.auth_asym_id 
_struct_site_gen.auth_seq_id 
_struct_site_gen.label_atom_id 
_struct_site_gen.label_alt_id 
_struct_site_gen.symmetry 
_struct_site_gen.details 
1  AC1 2 DG B 3 ? DG B 3 . ? 2_665 ? 
2  AC1 2 DG B 3 ? DG B 3 . ? 3_565 ? 
3  AC2 3 DG A 4 ? DG A 4 . ? 2_665 ? 
4  AC2 3 DG A 4 ? DG A 4 . ? 1_555 ? 
5  AC2 3 DG A 4 ? DG A 4 . ? 3_565 ? 
6  AC3 3 DG B 4 ? DG B 4 . ? 2_665 ? 
7  AC3 3 DG B 4 ? DG B 4 . ? 1_555 ? 
8  AC3 3 DG B 4 ? DG B 4 . ? 3_565 ? 
9  AC4 6 DG A 5 ? DG A 5 . ? 2_665 ? 
10 AC4 6 DG A 5 ? DG A 5 . ? 1_555 ? 
11 AC4 6 DG A 5 ? DG A 5 . ? 3_565 ? 
12 AC4 6 DG B 5 ? DG B 5 . ? 1_555 ? 
13 AC4 6 DG B 5 ? DG B 5 . ? 3_565 ? 
14 AC4 6 DG B 5 ? DG B 5 . ? 2_665 ? 
15 AC5 1 DG A 7 ? DG A 7 . ? 1_555 ? 
16 AC6 1 DG B 7 ? DG B 7 . ? 1_555 ? 
# 
loop_
_pdbx_struct_mod_residue.id 
_pdbx_struct_mod_residue.label_asym_id 
_pdbx_struct_mod_residue.label_comp_id 
_pdbx_struct_mod_residue.label_seq_id 
_pdbx_struct_mod_residue.auth_asym_id 
_pdbx_struct_mod_residue.auth_comp_id 
_pdbx_struct_mod_residue.auth_seq_id 
_pdbx_struct_mod_residue.PDB_ins_code 
_pdbx_struct_mod_residue.parent_comp_id 
_pdbx_struct_mod_residue.details 
1 A CBR 2 A CBR 2 ? DC ? 
2 B CBR 2 B CBR 2 ? DC ? 
# 
loop_
_pdbx_struct_special_symmetry.id 
_pdbx_struct_special_symmetry.PDB_model_num 
_pdbx_struct_special_symmetry.auth_asym_id 
_pdbx_struct_special_symmetry.auth_comp_id 
_pdbx_struct_special_symmetry.auth_seq_id 
_pdbx_struct_special_symmetry.PDB_ins_code 
_pdbx_struct_special_symmetry.label_asym_id 
_pdbx_struct_special_symmetry.label_comp_id 
_pdbx_struct_special_symmetry.label_seq_id 
1 1 A CA 11 ? C CA . 
2 1 A NA 13 ? D NA . 
3 1 A NA 15 ? E NA . 
4 1 B CA 12 ? G CA . 
5 1 B NA 14 ? H NA . 
# 
loop_
_chem_comp_atom.comp_id 
_chem_comp_atom.atom_id 
_chem_comp_atom.type_symbol 
_chem_comp_atom.pdbx_aromatic_flag 
_chem_comp_atom.pdbx_stereo_config 
_chem_comp_atom.pdbx_ordinal 
CA  CA     CA N N 1   
CBR BR     BR N N 2   
CBR P      P  N N 3   
CBR OP1    O  N N 4   
CBR OP2    O  N N 5   
CBR "O5'"  O  N N 6   
CBR N1     N  N N 7   
CBR C6     C  N N 8   
CBR C2     C  N N 9   
CBR O2     O  N N 10  
CBR N3     N  N N 11  
CBR C4     C  N N 12  
CBR N4     N  N N 13  
CBR C5     C  N N 14  
CBR "C2'"  C  N N 15  
CBR "C5'"  C  N N 16  
CBR "C4'"  C  N R 17  
CBR "O4'"  O  N N 18  
CBR "C1'"  C  N R 19  
CBR "C3'"  C  N S 20  
CBR "O3'"  O  N N 21  
CBR OP3    O  N N 22  
CBR HOP2   H  N N 23  
CBR H6     H  N N 24  
CBR H41    H  N N 25  
CBR H42    H  N N 26  
CBR "H2'"  H  N N 27  
CBR "H2''" H  N N 28  
CBR "H5'"  H  N N 29  
CBR "H5''" H  N N 30  
CBR "H4'"  H  N N 31  
CBR "H1'"  H  N N 32  
CBR "H3'"  H  N N 33  
CBR "HO3'" H  N N 34  
CBR HOP3   H  N N 35  
DA  OP3    O  N N 36  
DA  P      P  N N 37  
DA  OP1    O  N N 38  
DA  OP2    O  N N 39  
DA  "O5'"  O  N N 40  
DA  "C5'"  C  N N 41  
DA  "C4'"  C  N R 42  
DA  "O4'"  O  N N 43  
DA  "C3'"  C  N S 44  
DA  "O3'"  O  N N 45  
DA  "C2'"  C  N N 46  
DA  "C1'"  C  N R 47  
DA  N9     N  Y N 48  
DA  C8     C  Y N 49  
DA  N7     N  Y N 50  
DA  C5     C  Y N 51  
DA  C6     C  Y N 52  
DA  N6     N  N N 53  
DA  N1     N  Y N 54  
DA  C2     C  Y N 55  
DA  N3     N  Y N 56  
DA  C4     C  Y N 57  
DA  HOP3   H  N N 58  
DA  HOP2   H  N N 59  
DA  "H5'"  H  N N 60  
DA  "H5''" H  N N 61  
DA  "H4'"  H  N N 62  
DA  "H3'"  H  N N 63  
DA  "HO3'" H  N N 64  
DA  "H2'"  H  N N 65  
DA  "H2''" H  N N 66  
DA  "H1'"  H  N N 67  
DA  H8     H  N N 68  
DA  H61    H  N N 69  
DA  H62    H  N N 70  
DA  H2     H  N N 71  
DC  OP3    O  N N 72  
DC  P      P  N N 73  
DC  OP1    O  N N 74  
DC  OP2    O  N N 75  
DC  "O5'"  O  N N 76  
DC  "C5'"  C  N N 77  
DC  "C4'"  C  N R 78  
DC  "O4'"  O  N N 79  
DC  "C3'"  C  N S 80  
DC  "O3'"  O  N N 81  
DC  "C2'"  C  N N 82  
DC  "C1'"  C  N R 83  
DC  N1     N  N N 84  
DC  C2     C  N N 85  
DC  O2     O  N N 86  
DC  N3     N  N N 87  
DC  C4     C  N N 88  
DC  N4     N  N N 89  
DC  C5     C  N N 90  
DC  C6     C  N N 91  
DC  HOP3   H  N N 92  
DC  HOP2   H  N N 93  
DC  "H5'"  H  N N 94  
DC  "H5''" H  N N 95  
DC  "H4'"  H  N N 96  
DC  "H3'"  H  N N 97  
DC  "HO3'" H  N N 98  
DC  "H2'"  H  N N 99  
DC  "H2''" H  N N 100 
DC  "H1'"  H  N N 101 
DC  H41    H  N N 102 
DC  H42    H  N N 103 
DC  H5     H  N N 104 
DC  H6     H  N N 105 
DG  OP3    O  N N 106 
DG  P      P  N N 107 
DG  OP1    O  N N 108 
DG  OP2    O  N N 109 
DG  "O5'"  O  N N 110 
DG  "C5'"  C  N N 111 
DG  "C4'"  C  N R 112 
DG  "O4'"  O  N N 113 
DG  "C3'"  C  N S 114 
DG  "O3'"  O  N N 115 
DG  "C2'"  C  N N 116 
DG  "C1'"  C  N R 117 
DG  N9     N  Y N 118 
DG  C8     C  Y N 119 
DG  N7     N  Y N 120 
DG  C5     C  Y N 121 
DG  C6     C  N N 122 
DG  O6     O  N N 123 
DG  N1     N  N N 124 
DG  C2     C  N N 125 
DG  N2     N  N N 126 
DG  N3     N  N N 127 
DG  C4     C  Y N 128 
DG  HOP3   H  N N 129 
DG  HOP2   H  N N 130 
DG  "H5'"  H  N N 131 
DG  "H5''" H  N N 132 
DG  "H4'"  H  N N 133 
DG  "H3'"  H  N N 134 
DG  "HO3'" H  N N 135 
DG  "H2'"  H  N N 136 
DG  "H2''" H  N N 137 
DG  "H1'"  H  N N 138 
DG  H8     H  N N 139 
DG  H1     H  N N 140 
DG  H21    H  N N 141 
DG  H22    H  N N 142 
HOH O      O  N N 143 
HOH H1     H  N N 144 
HOH H2     H  N N 145 
NA  NA     NA N N 146 
# 
loop_
_chem_comp_bond.comp_id 
_chem_comp_bond.atom_id_1 
_chem_comp_bond.atom_id_2 
_chem_comp_bond.value_order 
_chem_comp_bond.pdbx_aromatic_flag 
_chem_comp_bond.pdbx_stereo_config 
_chem_comp_bond.pdbx_ordinal 
CBR BR    C5     sing N N 1   
CBR P     OP1    doub N N 2   
CBR P     OP2    sing N N 3   
CBR P     "O5'"  sing N N 4   
CBR P     OP3    sing N N 5   
CBR OP2   HOP2   sing N N 6   
CBR "O5'" "C5'"  sing N N 7   
CBR N1    C6     sing N N 8   
CBR N1    C2     sing N N 9   
CBR N1    "C1'"  sing N N 10  
CBR C6    C5     doub N N 11  
CBR C6    H6     sing N N 12  
CBR C2    O2     doub N N 13  
CBR C2    N3     sing N N 14  
CBR N3    C4     doub N N 15  
CBR C4    N4     sing N N 16  
CBR C4    C5     sing N N 17  
CBR N4    H41    sing N N 18  
CBR N4    H42    sing N N 19  
CBR "C2'" "C1'"  sing N N 20  
CBR "C2'" "C3'"  sing N N 21  
CBR "C2'" "H2'"  sing N N 22  
CBR "C2'" "H2''" sing N N 23  
CBR "C5'" "C4'"  sing N N 24  
CBR "C5'" "H5'"  sing N N 25  
CBR "C5'" "H5''" sing N N 26  
CBR "C4'" "O4'"  sing N N 27  
CBR "C4'" "C3'"  sing N N 28  
CBR "C4'" "H4'"  sing N N 29  
CBR "O4'" "C1'"  sing N N 30  
CBR "C1'" "H1'"  sing N N 31  
CBR "C3'" "O3'"  sing N N 32  
CBR "C3'" "H3'"  sing N N 33  
CBR "O3'" "HO3'" sing N N 34  
CBR OP3   HOP3   sing N N 35  
DA  OP3   P      sing N N 36  
DA  OP3   HOP3   sing N N 37  
DA  P     OP1    doub N N 38  
DA  P     OP2    sing N N 39  
DA  P     "O5'"  sing N N 40  
DA  OP2   HOP2   sing N N 41  
DA  "O5'" "C5'"  sing N N 42  
DA  "C5'" "C4'"  sing N N 43  
DA  "C5'" "H5'"  sing N N 44  
DA  "C5'" "H5''" sing N N 45  
DA  "C4'" "O4'"  sing N N 46  
DA  "C4'" "C3'"  sing N N 47  
DA  "C4'" "H4'"  sing N N 48  
DA  "O4'" "C1'"  sing N N 49  
DA  "C3'" "O3'"  sing N N 50  
DA  "C3'" "C2'"  sing N N 51  
DA  "C3'" "H3'"  sing N N 52  
DA  "O3'" "HO3'" sing N N 53  
DA  "C2'" "C1'"  sing N N 54  
DA  "C2'" "H2'"  sing N N 55  
DA  "C2'" "H2''" sing N N 56  
DA  "C1'" N9     sing N N 57  
DA  "C1'" "H1'"  sing N N 58  
DA  N9    C8     sing Y N 59  
DA  N9    C4     sing Y N 60  
DA  C8    N7     doub Y N 61  
DA  C8    H8     sing N N 62  
DA  N7    C5     sing Y N 63  
DA  C5    C6     sing Y N 64  
DA  C5    C4     doub Y N 65  
DA  C6    N6     sing N N 66  
DA  C6    N1     doub Y N 67  
DA  N6    H61    sing N N 68  
DA  N6    H62    sing N N 69  
DA  N1    C2     sing Y N 70  
DA  C2    N3     doub Y N 71  
DA  C2    H2     sing N N 72  
DA  N3    C4     sing Y N 73  
DC  OP3   P      sing N N 74  
DC  OP3   HOP3   sing N N 75  
DC  P     OP1    doub N N 76  
DC  P     OP2    sing N N 77  
DC  P     "O5'"  sing N N 78  
DC  OP2   HOP2   sing N N 79  
DC  "O5'" "C5'"  sing N N 80  
DC  "C5'" "C4'"  sing N N 81  
DC  "C5'" "H5'"  sing N N 82  
DC  "C5'" "H5''" sing N N 83  
DC  "C4'" "O4'"  sing N N 84  
DC  "C4'" "C3'"  sing N N 85  
DC  "C4'" "H4'"  sing N N 86  
DC  "O4'" "C1'"  sing N N 87  
DC  "C3'" "O3'"  sing N N 88  
DC  "C3'" "C2'"  sing N N 89  
DC  "C3'" "H3'"  sing N N 90  
DC  "O3'" "HO3'" sing N N 91  
DC  "C2'" "C1'"  sing N N 92  
DC  "C2'" "H2'"  sing N N 93  
DC  "C2'" "H2''" sing N N 94  
DC  "C1'" N1     sing N N 95  
DC  "C1'" "H1'"  sing N N 96  
DC  N1    C2     sing N N 97  
DC  N1    C6     sing N N 98  
DC  C2    O2     doub N N 99  
DC  C2    N3     sing N N 100 
DC  N3    C4     doub N N 101 
DC  C4    N4     sing N N 102 
DC  C4    C5     sing N N 103 
DC  N4    H41    sing N N 104 
DC  N4    H42    sing N N 105 
DC  C5    C6     doub N N 106 
DC  C5    H5     sing N N 107 
DC  C6    H6     sing N N 108 
DG  OP3   P      sing N N 109 
DG  OP3   HOP3   sing N N 110 
DG  P     OP1    doub N N 111 
DG  P     OP2    sing N N 112 
DG  P     "O5'"  sing N N 113 
DG  OP2   HOP2   sing N N 114 
DG  "O5'" "C5'"  sing N N 115 
DG  "C5'" "C4'"  sing N N 116 
DG  "C5'" "H5'"  sing N N 117 
DG  "C5'" "H5''" sing N N 118 
DG  "C4'" "O4'"  sing N N 119 
DG  "C4'" "C3'"  sing N N 120 
DG  "C4'" "H4'"  sing N N 121 
DG  "O4'" "C1'"  sing N N 122 
DG  "C3'" "O3'"  sing N N 123 
DG  "C3'" "C2'"  sing N N 124 
DG  "C3'" "H3'"  sing N N 125 
DG  "O3'" "HO3'" sing N N 126 
DG  "C2'" "C1'"  sing N N 127 
DG  "C2'" "H2'"  sing N N 128 
DG  "C2'" "H2''" sing N N 129 
DG  "C1'" N9     sing N N 130 
DG  "C1'" "H1'"  sing N N 131 
DG  N9    C8     sing Y N 132 
DG  N9    C4     sing Y N 133 
DG  C8    N7     doub Y N 134 
DG  C8    H8     sing N N 135 
DG  N7    C5     sing Y N 136 
DG  C5    C6     sing N N 137 
DG  C5    C4     doub Y N 138 
DG  C6    O6     doub N N 139 
DG  C6    N1     sing N N 140 
DG  N1    C2     sing N N 141 
DG  N1    H1     sing N N 142 
DG  C2    N2     sing N N 143 
DG  C2    N3     doub N N 144 
DG  N2    H21    sing N N 145 
DG  N2    H22    sing N N 146 
DG  N3    C4     sing N N 147 
HOH O     H1     sing N N 148 
HOH O     H2     sing N N 149 
# 
loop_
_ndb_struct_conf_na.entry_id 
_ndb_struct_conf_na.feature 
2FZA 'double helix'         
2FZA 'mismatched base pair' 
2FZA 'internal loop'        
# 
loop_
_ndb_struct_na_base_pair.model_number 
_ndb_struct_na_base_pair.i_label_asym_id 
_ndb_struct_na_base_pair.i_label_comp_id 
_ndb_struct_na_base_pair.i_label_seq_id 
_ndb_struct_na_base_pair.i_symmetry 
_ndb_struct_na_base_pair.j_label_asym_id 
_ndb_struct_na_base_pair.j_label_comp_id 
_ndb_struct_na_base_pair.j_label_seq_id 
_ndb_struct_na_base_pair.j_symmetry 
_ndb_struct_na_base_pair.shear 
_ndb_struct_na_base_pair.stretch 
_ndb_struct_na_base_pair.stagger 
_ndb_struct_na_base_pair.buckle 
_ndb_struct_na_base_pair.propeller 
_ndb_struct_na_base_pair.opening 
_ndb_struct_na_base_pair.pair_number 
_ndb_struct_na_base_pair.pair_name 
_ndb_struct_na_base_pair.i_auth_asym_id 
_ndb_struct_na_base_pair.i_auth_seq_id 
_ndb_struct_na_base_pair.i_PDB_ins_code 
_ndb_struct_na_base_pair.j_auth_asym_id 
_ndb_struct_na_base_pair.j_auth_seq_id 
_ndb_struct_na_base_pair.j_PDB_ins_code 
_ndb_struct_na_base_pair.hbond_type_28 
_ndb_struct_na_base_pair.hbond_type_12 
1 A DG  1 1_555 B DC  8 1_555 -0.342 -0.279 1.506 14.438  9.135   0.571  1 A_DG1:DC8_B  A 1 ? B 8 ? 19 1 
1 A CBR 2 1_555 B DG  7 1_555 -0.408 -0.149 0.224 24.176  4.342   -5.508 2 A_CBR2:DG7_B A 2 ? B 7 ? 19 1 
1 A DG  3 1_555 B DA  6 1_555 6.060  -4.268 2.299 16.964  -22.677 13.829 3 A_DG3:DA6_B  A 3 ? B 6 ? 11 9 
1 A DA  6 1_555 B DG  3 1_555 -6.095 -4.259 2.320 -17.021 -22.456 13.850 4 A_DA6:DG3_B  A 6 ? B 3 ? 11 9 
1 A DG  7 1_555 B CBR 2 1_555 0.406  -0.104 0.209 -24.035 4.423   -5.389 5 A_DG7:CBR2_B A 7 ? B 2 ? 19 1 
1 A DC  8 1_555 B DG  1 1_555 0.357  -0.237 1.513 -14.548 9.336   0.527  6 A_DC8:DG1_B  A 8 ? B 1 ? 19 1 
# 
loop_
_ndb_struct_na_base_pair_step.model_number 
_ndb_struct_na_base_pair_step.i_label_asym_id_1 
_ndb_struct_na_base_pair_step.i_label_comp_id_1 
_ndb_struct_na_base_pair_step.i_label_seq_id_1 
_ndb_struct_na_base_pair_step.i_symmetry_1 
_ndb_struct_na_base_pair_step.j_label_asym_id_1 
_ndb_struct_na_base_pair_step.j_label_comp_id_1 
_ndb_struct_na_base_pair_step.j_label_seq_id_1 
_ndb_struct_na_base_pair_step.j_symmetry_1 
_ndb_struct_na_base_pair_step.i_label_asym_id_2 
_ndb_struct_na_base_pair_step.i_label_comp_id_2 
_ndb_struct_na_base_pair_step.i_label_seq_id_2 
_ndb_struct_na_base_pair_step.i_symmetry_2 
_ndb_struct_na_base_pair_step.j_label_asym_id_2 
_ndb_struct_na_base_pair_step.j_label_comp_id_2 
_ndb_struct_na_base_pair_step.j_label_seq_id_2 
_ndb_struct_na_base_pair_step.j_symmetry_2 
_ndb_struct_na_base_pair_step.shift 
_ndb_struct_na_base_pair_step.slide 
_ndb_struct_na_base_pair_step.rise 
_ndb_struct_na_base_pair_step.tilt 
_ndb_struct_na_base_pair_step.roll 
_ndb_struct_na_base_pair_step.twist 
_ndb_struct_na_base_pair_step.x_displacement 
_ndb_struct_na_base_pair_step.y_displacement 
_ndb_struct_na_base_pair_step.helical_rise 
_ndb_struct_na_base_pair_step.inclination 
_ndb_struct_na_base_pair_step.tip 
_ndb_struct_na_base_pair_step.helical_twist 
_ndb_struct_na_base_pair_step.step_number 
_ndb_struct_na_base_pair_step.step_name 
_ndb_struct_na_base_pair_step.i_auth_asym_id_1 
_ndb_struct_na_base_pair_step.i_auth_seq_id_1 
_ndb_struct_na_base_pair_step.i_PDB_ins_code_1 
_ndb_struct_na_base_pair_step.j_auth_asym_id_1 
_ndb_struct_na_base_pair_step.j_auth_seq_id_1 
_ndb_struct_na_base_pair_step.j_PDB_ins_code_1 
_ndb_struct_na_base_pair_step.i_auth_asym_id_2 
_ndb_struct_na_base_pair_step.i_auth_seq_id_2 
_ndb_struct_na_base_pair_step.i_PDB_ins_code_2 
_ndb_struct_na_base_pair_step.j_auth_asym_id_2 
_ndb_struct_na_base_pair_step.j_auth_seq_id_2 
_ndb_struct_na_base_pair_step.j_PDB_ins_code_2 
1 A DG  1 1_555 B DC  8 1_555 A CBR 2 1_555 B DG  7 1_555 0.080  -0.250 2.982 11.168  5.949  26.882 -1.632 1.990  2.688 11.990 
-22.507 29.662 1 AA_DG1CBR2:DG7DC8_BB A 1 ? B 8 ? A 2 ? B 7 ? 
1 A CBR 2 1_555 B DG  7 1_555 A DG  3 1_555 B DA  6 1_555 0.499  1.131  3.550 -1.233  12.482 60.302 0.450  -0.553 3.687 12.282 
1.214   61.473 2 AA_CBR2DG3:DA6DG7_BB A 2 ? B 7 ? A 3 ? B 6 ? 
1 A DA  6 1_555 B DG  3 1_555 A DG  7 1_555 B CBR 2 1_555 -0.497 1.136  3.543 1.376   12.721 60.325 0.443  0.558  3.682 12.507 
-1.353  61.542 3 AA_DA6DG7:CBR2DG3_BB A 6 ? B 3 ? A 7 ? B 2 ? 
1 A DG  7 1_555 B CBR 2 1_555 A DC  8 1_555 B DG  1 1_555 -0.094 -0.237 2.988 -11.339 5.994  26.898 -1.609 -1.990 2.695 12.054 
22.802  29.749 4 AA_DG7DC8:DG1CBR2_BB A 7 ? B 2 ? A 8 ? B 1 ? 
# 
_atom_sites.entry_id                    2FZA 
_atom_sites.fract_transf_matrix[1][1]   0.01184368 
_atom_sites.fract_transf_matrix[1][2]   -0.01811723 
_atom_sites.fract_transf_matrix[1][3]   0.02322916 
_atom_sites.fract_transf_matrix[2][1]   0.00149592 
_atom_sites.fract_transf_matrix[2][2]   -0.03150553 
_atom_sites.fract_transf_matrix[2][3]   -0.00363676 
_atom_sites.fract_transf_matrix[3][1]   0.01454424 
_atom_sites.fract_transf_matrix[3][2]   0.00141884 
_atom_sites.fract_transf_matrix[3][3]   -0.00630896 
_atom_sites.fract_transf_vector[1]      0.467068 
_atom_sites.fract_transf_vector[2]      0.934543 
_atom_sites.fract_transf_vector[3]      0.245310 
# 
loop_
_atom_type.symbol 
BR 
C  
CA 
N  
NA 
O  
P  
# 
loop_
_atom_site.group_PDB 
_atom_site.id 
_atom_site.type_symbol 
_atom_site.label_atom_id 
_atom_site.label_alt_id 
_atom_site.label_comp_id 
_atom_site.label_asym_id 
_atom_site.label_entity_id 
_atom_site.label_seq_id 
_atom_site.pdbx_PDB_ins_code 
_atom_site.Cartn_x 
_atom_site.Cartn_y 
_atom_site.Cartn_z 
_atom_site.occupancy 
_atom_site.B_iso_or_equiv 
_atom_site.pdbx_formal_charge 
_atom_site.auth_seq_id 
_atom_site.auth_comp_id 
_atom_site.auth_asym_id 
_atom_site.auth_atom_id 
_atom_site.pdbx_PDB_model_num 
ATOM   1   O  "O5'" . DG  A 1 1 ? 15.030  6.919   -8.753  1.00 93.23  ? 1  DG  A "O5'" 1 
ATOM   2   C  "C5'" . DG  A 1 1 ? 14.994  7.679   -9.983  1.00 96.28  ? 1  DG  A "C5'" 1 
ATOM   3   C  "C4'" . DG  A 1 1 ? 13.664  7.708   -10.712 1.00 97.46  ? 1  DG  A "C4'" 1 
ATOM   4   O  "O4'" . DG  A 1 1 ? 13.137  6.362   -10.811 1.00 98.25  ? 1  DG  A "O4'" 1 
ATOM   5   C  "C3'" . DG  A 1 1 ? 12.540  8.509   -10.056 1.00 98.32  ? 1  DG  A "C3'" 1 
ATOM   6   O  "O3'" . DG  A 1 1 ? 11.565  8.890   -11.036 1.00 99.74  ? 1  DG  A "O3'" 1 
ATOM   7   C  "C2'" . DG  A 1 1 ? 11.914  7.478   -9.139  1.00 97.73  ? 1  DG  A "C2'" 1 
ATOM   8   C  "C1'" . DG  A 1 1 ? 11.953  6.234   -10.018 1.00 96.67  ? 1  DG  A "C1'" 1 
ATOM   9   N  N9    . DG  A 1 1 ? 12.034  4.968   -9.285  1.00 94.64  ? 1  DG  A N9    1 
ATOM   10  C  C8    . DG  A 1 1 ? 12.584  4.772   -8.038  1.00 93.79  ? 1  DG  A C8    1 
ATOM   11  N  N7    . DG  A 1 1 ? 12.528  3.528   -7.645  1.00 92.14  ? 1  DG  A N7    1 
ATOM   12  C  C5    . DG  A 1 1 ? 11.905  2.860   -8.690  1.00 89.98  ? 1  DG  A C5    1 
ATOM   13  C  C6    . DG  A 1 1 ? 11.570  1.504   -8.825  1.00 87.74  ? 1  DG  A C6    1 
ATOM   14  O  O6    . DG  A 1 1 ? 11.748  0.590   -8.033  1.00 88.02  ? 1  DG  A O6    1 
ATOM   15  N  N1    . DG  A 1 1 ? 10.960  1.248   -10.033 1.00 86.47  ? 1  DG  A N1    1 
ATOM   16  C  C2    . DG  A 1 1 ? 10.701  2.175   -10.993 1.00 87.25  ? 1  DG  A C2    1 
ATOM   17  N  N2    . DG  A 1 1 ? 10.130  1.703   -12.101 1.00 87.85  ? 1  DG  A N2    1 
ATOM   18  N  N3    . DG  A 1 1 ? 10.989  3.456   -10.882 1.00 88.75  ? 1  DG  A N3    1 
ATOM   19  C  C4    . DG  A 1 1 ? 11.590  3.728   -9.710  1.00 91.26  ? 1  DG  A C4    1 
HETATM 20  BR BR    . CBR A 1 2 ? 10.126  5.325   -5.859  1.00 104.19 ? 2  CBR A BR    1 
HETATM 21  P  P     . CBR A 1 2 ? 10.498  10.044  -10.692 1.00 101.82 ? 2  CBR A P     1 
HETATM 22  O  OP1   . CBR A 1 2 ? 10.546  11.027  -11.804 1.00 101.87 ? 2  CBR A OP1   1 
HETATM 23  O  OP2   . CBR A 1 2 ? 10.729  10.503  -9.298  1.00 101.38 ? 2  CBR A OP2   1 
HETATM 24  O  "O5'" . CBR A 1 2 ? 9.084   9.312   -10.709 1.00 101.11 ? 2  CBR A "O5'" 1 
HETATM 25  N  N1    . CBR A 1 2 ? 7.901   5.068   -9.299  1.00 101.39 ? 2  CBR A N1    1 
HETATM 26  C  C6    . CBR A 1 2 ? 8.499   5.537   -8.171  1.00 101.70 ? 2  CBR A C6    1 
HETATM 27  C  C2    . CBR A 1 2 ? 7.912   3.683   -9.582  1.00 101.39 ? 2  CBR A C2    1 
HETATM 28  O  O2    . CBR A 1 2 ? 7.380   3.248   -10.620 1.00 99.00  ? 2  CBR A O2    1 
HETATM 29  N  N3    . CBR A 1 2 ? 8.507   2.855   -8.708  1.00 102.10 ? 2  CBR A N3    1 
HETATM 30  C  C4    . CBR A 1 2 ? 9.069   3.340   -7.608  1.00 101.62 ? 2  CBR A C4    1 
HETATM 31  N  N4    . CBR A 1 2 ? 9.612   2.506   -6.747  1.00 102.29 ? 2  CBR A N4    1 
HETATM 32  C  C5    . CBR A 1 2 ? 9.096   4.703   -7.325  1.00 101.65 ? 2  CBR A C5    1 
HETATM 33  C  "C2'" . CBR A 1 2 ? 6.493   7.144   -9.597  1.00 101.14 ? 2  CBR A "C2'" 1 
HETATM 34  C  "C5'" . CBR A 1 2 ? 8.521   8.861   -11.931 1.00 101.37 ? 2  CBR A "C5'" 1 
HETATM 35  C  "C4'" . CBR A 1 2 ? 7.553   7.732   -11.674 1.00 101.88 ? 2  CBR A "C4'" 1 
HETATM 36  O  "O4'" . CBR A 1 2 ? 8.223   6.626   -11.020 1.00 103.29 ? 2  CBR A "O4'" 1 
HETATM 37  C  "C1'" . CBR A 1 2 ? 7.238   5.991   -10.227 1.00 102.72 ? 2  CBR A "C1'" 1 
HETATM 38  C  "C3'" . CBR A 1 2 ? 6.321   8.045   -10.809 1.00 100.78 ? 2  CBR A "C3'" 1 
HETATM 39  O  "O3'" . CBR A 1 2 ? 5.153   7.608   -11.512 1.00 99.52  ? 2  CBR A "O3'" 1 
ATOM   40  P  P     . DG  A 1 3 ? 3.699   8.062   -11.010 1.00 99.03  ? 3  DG  A P     1 
ATOM   41  O  OP1   . DG  A 1 3 ? 2.973   8.629   -12.168 1.00 101.04 ? 3  DG  A OP1   1 
ATOM   42  O  OP2   . DG  A 1 3 ? 3.873   8.883   -9.784  1.00 100.07 ? 3  DG  A OP2   1 
ATOM   43  O  "O5'" . DG  A 1 3 ? 2.961   6.714   -10.601 1.00 95.86  ? 3  DG  A "O5'" 1 
ATOM   44  C  "C5'" . DG  A 1 3 ? 3.116   5.542   -11.363 1.00 92.60  ? 3  DG  A "C5'" 1 
ATOM   45  C  "C4'" . DG  A 1 3 ? 3.168   4.363   -10.431 1.00 92.24  ? 3  DG  A "C4'" 1 
ATOM   46  O  "O4'" . DG  A 1 3 ? 4.270   4.589   -9.529  1.00 91.47  ? 3  DG  A "O4'" 1 
ATOM   47  C  "C3'" . DG  A 1 3 ? 1.919   4.249   -9.559  1.00 92.33  ? 3  DG  A "C3'" 1 
ATOM   48  O  "O3'" . DG  A 1 3 ? 1.253   3.017   -9.851  1.00 95.05  ? 3  DG  A "O3'" 1 
ATOM   49  C  "C2'" . DG  A 1 3 ? 2.434   4.266   -8.128  1.00 91.87  ? 3  DG  A "C2'" 1 
ATOM   50  C  "C1'" . DG  A 1 3 ? 3.940   4.077   -8.256  1.00 91.64  ? 3  DG  A "C1'" 1 
ATOM   51  N  N9    . DG  A 1 3 ? 4.731   4.807   -7.266  1.00 91.13  ? 3  DG  A N9    1 
ATOM   52  C  C8    . DG  A 1 3 ? 4.823   6.174   -7.130  1.00 91.49  ? 3  DG  A C8    1 
ATOM   53  N  N7    . DG  A 1 3 ? 5.610   6.548   -6.159  1.00 90.77  ? 3  DG  A N7    1 
ATOM   54  C  C5    . DG  A 1 3 ? 6.069   5.356   -5.616  1.00 90.87  ? 3  DG  A C5    1 
ATOM   55  C  C6    . DG  A 1 3 ? 6.966   5.125   -4.540  1.00 90.31  ? 3  DG  A C6    1 
ATOM   56  O  O6    . DG  A 1 3 ? 7.558   5.960   -3.838  1.00 88.25  ? 3  DG  A O6    1 
ATOM   57  N  N1    . DG  A 1 3 ? 7.156   3.759   -4.318  1.00 90.26  ? 3  DG  A N1    1 
ATOM   58  C  C2    . DG  A 1 3 ? 6.564   2.748   -5.047  1.00 90.41  ? 3  DG  A C2    1 
ATOM   59  N  N2    . DG  A 1 3 ? 6.873   1.493   -4.687  1.00 89.69  ? 3  DG  A N2    1 
ATOM   60  N  N3    . DG  A 1 3 ? 5.731   2.953   -6.057  1.00 90.43  ? 3  DG  A N3    1 
ATOM   61  C  C4    . DG  A 1 3 ? 5.532   4.269   -6.287  1.00 90.89  ? 3  DG  A C4    1 
ATOM   62  P  P     . DG  A 1 4 ? -0.213  2.739   -9.245  1.00 96.70  ? 4  DG  A P     1 
ATOM   63  O  OP1   . DG  A 1 4 ? -0.995  1.953   -10.244 1.00 95.84  ? 4  DG  A OP1   1 
ATOM   64  O  OP2   . DG  A 1 4 ? -0.715  4.061   -8.797  1.00 98.37  ? 4  DG  A OP2   1 
ATOM   65  O  "O5'" . DG  A 1 4 ? 0.063   1.837   -7.958  1.00 94.82  ? 4  DG  A "O5'" 1 
ATOM   66  C  "C5'" . DG  A 1 4 ? 0.843   0.653   -8.069  1.00 94.33  ? 4  DG  A "C5'" 1 
ATOM   67  C  "C4'" . DG  A 1 4 ? 1.503   0.332   -6.753  1.00 93.53  ? 4  DG  A "C4'" 1 
ATOM   68  O  "O4'" . DG  A 1 4 ? 2.480   1.316   -6.376  1.00 93.39  ? 4  DG  A "O4'" 1 
ATOM   69  C  "C3'" . DG  A 1 4 ? 0.547   0.304   -5.580  1.00 93.67  ? 4  DG  A "C3'" 1 
ATOM   70  O  "O3'" . DG  A 1 4 ? -0.066  -0.976  -5.517  1.00 93.61  ? 4  DG  A "O3'" 1 
ATOM   71  C  "C2'" . DG  A 1 4 ? 1.466   0.525   -4.390  1.00 93.67  ? 4  DG  A "C2'" 1 
ATOM   72  C  "C1'" . DG  A 1 4 ? 2.727   1.145   -4.990  1.00 93.18  ? 4  DG  A "C1'" 1 
ATOM   73  N  N9    . DG  A 1 4 ? 3.039   2.450   -4.423  1.00 93.55  ? 4  DG  A N9    1 
ATOM   74  C  C8    . DG  A 1 4 ? 2.848   3.672   -5.007  1.00 93.63  ? 4  DG  A C8    1 
ATOM   75  N  N7    . DG  A 1 4 ? 3.208   4.665   -4.239  1.00 93.82  ? 4  DG  A N7    1 
ATOM   76  C  C5    . DG  A 1 4 ? 3.654   4.055   -3.078  1.00 93.16  ? 4  DG  A C5    1 
ATOM   77  C  C6    . DG  A 1 4 ? 4.145   4.618   -1.874  1.00 92.73  ? 4  DG  A C6    1 
ATOM   78  O  O6    . DG  A 1 4 ? 4.269   5.808   -1.568  1.00 92.93  ? 4  DG  A O6    1 
ATOM   79  N  N1    . DG  A 1 4 ? 4.501   3.638   -0.965  1.00 94.13  ? 4  DG  A N1    1 
ATOM   80  C  C2    . DG  A 1 4 ? 4.389   2.289   -1.173  1.00 95.29  ? 4  DG  A C2    1 
ATOM   81  N  N2    . DG  A 1 4 ? 4.798   1.488   -0.168  1.00 96.55  ? 4  DG  A N2    1 
ATOM   82  N  N3    . DG  A 1 4 ? 3.914   1.756   -2.281  1.00 95.02  ? 4  DG  A N3    1 
ATOM   83  C  C4    . DG  A 1 4 ? 3.570   2.689   -3.182  1.00 93.43  ? 4  DG  A C4    1 
ATOM   84  P  P     . DG  A 1 5 ? -1.507  -1.124  -4.843  1.00 92.55  ? 5  DG  A P     1 
ATOM   85  O  OP1   . DG  A 1 5 ? -2.270  -2.092  -5.662  1.00 93.79  ? 5  DG  A OP1   1 
ATOM   86  O  OP2   . DG  A 1 5 ? -2.061  0.224   -4.591  1.00 92.56  ? 5  DG  A OP2   1 
ATOM   87  O  "O5'" . DG  A 1 5 ? -1.210  -1.767  -3.431  1.00 91.00  ? 5  DG  A "O5'" 1 
ATOM   88  C  "C5'" . DG  A 1 5 ? -2.252  -1.921  -2.506  1.00 91.66  ? 5  DG  A "C5'" 1 
ATOM   89  C  "C4'" . DG  A 1 5 ? -1.746  -1.648  -1.116  1.00 92.96  ? 5  DG  A "C4'" 1 
ATOM   90  O  "O4'" . DG  A 1 5 ? -1.270  -0.298  -0.999  1.00 93.21  ? 5  DG  A "O4'" 1 
ATOM   91  C  "C3'" . DG  A 1 5 ? -2.858  -1.746  -0.095  1.00 93.20  ? 5  DG  A "C3'" 1 
ATOM   92  O  "O3'" . DG  A 1 5 ? -2.886  -3.066  0.387   1.00 92.68  ? 5  DG  A "O3'" 1 
ATOM   93  C  "C2'" . DG  A 1 5 ? -2.440  -0.786  1.002   1.00 93.39  ? 5  DG  A "C2'" 1 
ATOM   94  C  "C1'" . DG  A 1 5 ? -1.383  0.097   0.361   1.00 92.55  ? 5  DG  A "C1'" 1 
ATOM   95  N  N9    . DG  A 1 5 ? -1.665  1.523   0.377   1.00 91.59  ? 5  DG  A N9    1 
ATOM   96  C  C8    . DG  A 1 5 ? -2.255  2.248   -0.623  1.00 91.73  ? 5  DG  A C8    1 
ATOM   97  N  N7    . DG  A 1 5 ? -2.313  3.524   -0.362  1.00 92.78  ? 5  DG  A N7    1 
ATOM   98  C  C5    . DG  A 1 5 ? -1.742  3.641   0.896   1.00 92.35  ? 5  DG  A C5    1 
ATOM   99  C  C6    . DG  A 1 5 ? -1.514  4.788   1.692   1.00 92.47  ? 5  DG  A C6    1 
ATOM   100 O  O6    . DG  A 1 5 ? -1.794  5.967   1.439   1.00 92.68  ? 5  DG  A O6    1 
ATOM   101 N  N1    . DG  A 1 5 ? -0.898  4.459   2.893   1.00 91.44  ? 5  DG  A N1    1 
ATOM   102 C  C2    . DG  A 1 5 ? -0.567  3.189   3.283   1.00 91.21  ? 5  DG  A C2    1 
ATOM   103 N  N2    . DG  A 1 5 ? -0.006  3.077   4.490   1.00 91.94  ? 5  DG  A N2    1 
ATOM   104 N  N3    . DG  A 1 5 ? -0.775  2.111   2.548   1.00 91.17  ? 5  DG  A N3    1 
ATOM   105 C  C4    . DG  A 1 5 ? -1.356  2.410   1.374   1.00 91.32  ? 5  DG  A C4    1 
ATOM   106 P  P     . DA  A 1 6 ? -4.289  -3.768  0.613   1.00 94.11  ? 6  DA  A P     1 
ATOM   107 O  OP1   . DA  A 1 6 ? -4.661  -4.481  -0.632  1.00 93.72  ? 6  DA  A OP1   1 
ATOM   108 O  OP2   . DA  A 1 6 ? -5.203  -2.739  1.165   1.00 93.35  ? 6  DA  A OP2   1 
ATOM   109 O  "O5'" . DA  A 1 6 ? -3.941  -4.823  1.744   1.00 94.21  ? 6  DA  A "O5'" 1 
ATOM   110 C  "C5'" . DA  A 1 6 ? -2.594  -5.194  1.978   1.00 93.95  ? 6  DA  A "C5'" 1 
ATOM   111 C  "C4'" . DA  A 1 6 ? -2.483  -5.904  3.303   1.00 94.38  ? 6  DA  A "C4'" 1 
ATOM   112 O  "O4'" . DA  A 1 6 ? -2.867  -4.990  4.352   1.00 94.26  ? 6  DA  A "O4'" 1 
ATOM   113 C  "C3'" . DA  A 1 6 ? -3.397  -7.121  3.460   1.00 94.41  ? 6  DA  A "C3'" 1 
ATOM   114 O  "O3'" . DA  A 1 6 ? -2.696  -8.112  4.223   1.00 95.72  ? 6  DA  A "O3'" 1 
ATOM   115 C  "C2'" . DA  A 1 6 ? -4.573  -6.565  4.240   1.00 93.83  ? 6  DA  A "C2'" 1 
ATOM   116 C  "C1'" . DA  A 1 6 ? -3.848  -5.608  5.163   1.00 93.89  ? 6  DA  A "C1'" 1 
ATOM   117 N  N9    . DA  A 1 6 ? -4.635  -4.548  5.790   1.00 93.31  ? 6  DA  A N9    1 
ATOM   118 C  C8    . DA  A 1 6 ? -5.686  -3.815  5.292   1.00 92.93  ? 6  DA  A C8    1 
ATOM   119 N  N7    . DA  A 1 6 ? -6.113  -2.885  6.112   1.00 92.18  ? 6  DA  A N7    1 
ATOM   120 C  C5    . DA  A 1 6 ? -5.292  -3.023  7.225   1.00 92.28  ? 6  DA  A C5    1 
ATOM   121 C  C6    . DA  A 1 6 ? -5.209  -2.314  8.437   1.00 92.50  ? 6  DA  A C6    1 
ATOM   122 N  N6    . DA  A 1 6 ? -5.960  -1.251  8.732   1.00 93.66  ? 6  DA  A N6    1 
ATOM   123 N  N1    . DA  A 1 6 ? -4.302  -2.726  9.339   1.00 91.83  ? 6  DA  A N1    1 
ATOM   124 C  C2    . DA  A 1 6 ? -3.515  -3.762  9.026   1.00 92.03  ? 6  DA  A C2    1 
ATOM   125 N  N3    . DA  A 1 6 ? -3.475  -4.486  7.917   1.00 91.09  ? 6  DA  A N3    1 
ATOM   126 C  C4    . DA  A 1 6 ? -4.401  -4.059  7.048   1.00 92.05  ? 6  DA  A C4    1 
ATOM   127 P  P     . DG  A 1 7 ? -3.264  -9.610  4.301   1.00 95.68  ? 7  DG  A P     1 
ATOM   128 O  OP1   . DG  A 1 7 ? -2.122  -10.567 4.344   1.00 94.60  ? 7  DG  A OP1   1 
ATOM   129 O  OP2   . DG  A 1 7 ? -4.286  -9.710  3.225   1.00 96.60  ? 7  DG  A OP2   1 
ATOM   130 O  "O5'" . DG  A 1 7 ? -3.984  -9.643  5.713   1.00 93.40  ? 7  DG  A "O5'" 1 
ATOM   131 C  "C5'" . DG  A 1 7 ? -3.328  -9.098  6.844   1.00 92.49  ? 7  DG  A "C5'" 1 
ATOM   132 C  "C4'" . DG  A 1 7 ? -4.349  -8.580  7.820   1.00 91.62  ? 7  DG  A "C4'" 1 
ATOM   133 O  "O4'" . DG  A 1 7 ? -4.971  -7.373  7.363   1.00 92.13  ? 7  DG  A "O4'" 1 
ATOM   134 C  "C3'" . DG  A 1 7 ? -5.503  -9.549  8.009   1.00 91.02  ? 7  DG  A "C3'" 1 
ATOM   135 O  "O3'" . DG  A 1 7 ? -5.244  -10.351 9.134   1.00 89.54  ? 7  DG  A "O3'" 1 
ATOM   136 C  "C2'" . DG  A 1 7 ? -6.719  -8.664  8.243   1.00 90.79  ? 7  DG  A "C2'" 1 
ATOM   137 C  "C1'" . DG  A 1 7 ? -6.177  -7.253  8.102   1.00 91.88  ? 7  DG  A "C1'" 1 
ATOM   138 N  N9    . DG  A 1 7 ? -7.048  -6.304  7.413   1.00 91.80  ? 7  DG  A N9    1 
ATOM   139 C  C8    . DG  A 1 7 ? -7.520  -6.371  6.120   1.00 92.14  ? 7  DG  A C8    1 
ATOM   140 N  N7    . DG  A 1 7 ? -8.242  -5.336  5.786   1.00 90.71  ? 7  DG  A N7    1 
ATOM   141 C  C5    . DG  A 1 7 ? -8.255  -4.550  6.928   1.00 90.06  ? 7  DG  A C5    1 
ATOM   142 C  C6    . DG  A 1 7 ? -8.860  -3.325  7.159   1.00 89.55  ? 7  DG  A C6    1 
ATOM   143 O  O6    . DG  A 1 7 ? -9.508  -2.647  6.379   1.00 88.53  ? 7  DG  A O6    1 
ATOM   144 N  N1    . DG  A 1 7 ? -8.640  -2.879  8.462   1.00 90.07  ? 7  DG  A N1    1 
ATOM   145 C  C2    . DG  A 1 7 ? -7.899  -3.542  9.413   1.00 89.92  ? 7  DG  A C2    1 
ATOM   146 N  N2    . DG  A 1 7 ? -7.767  -2.952  10.614  1.00 89.31  ? 7  DG  A N2    1 
ATOM   147 N  N3    . DG  A 1 7 ? -7.319  -4.697  9.196   1.00 90.66  ? 7  DG  A N3    1 
ATOM   148 C  C4    . DG  A 1 7 ? -7.535  -5.141  7.941   1.00 90.75  ? 7  DG  A C4    1 
ATOM   149 P  P     . DC  A 1 8 ? -6.335  -11.408 9.588   1.00 89.34  ? 8  DC  A P     1 
ATOM   150 O  OP1   . DC  A 1 8 ? -5.555  -12.469 10.246  1.00 90.88  ? 8  DC  A OP1   1 
ATOM   151 O  OP2   . DC  A 1 8 ? -7.218  -11.748 8.435   1.00 88.67  ? 8  DC  A OP2   1 
ATOM   152 O  "O5'" . DC  A 1 8 ? -7.184  -10.597 10.663  1.00 88.42  ? 8  DC  A "O5'" 1 
ATOM   153 C  "C5'" . DC  A 1 8 ? -6.614  -10.231 11.916  1.00 85.45  ? 8  DC  A "C5'" 1 
ATOM   154 C  "C4'" . DC  A 1 8 ? -7.455  -9.168  12.585  1.00 82.70  ? 8  DC  A "C4'" 1 
ATOM   155 O  "O4'" . DC  A 1 8 ? -7.522  -8.007  11.740  1.00 80.89  ? 8  DC  A "O4'" 1 
ATOM   156 C  "C3'" . DC  A 1 8 ? -8.917  -9.510  12.857  1.00 81.22  ? 8  DC  A "C3'" 1 
ATOM   157 O  "O3'" . DC  A 1 8 ? -9.158  -10.353 13.988  1.00 79.98  ? 8  DC  A "O3'" 1 
ATOM   158 C  "C2'" . DC  A 1 8 ? -9.543  -8.136  13.001  1.00 79.92  ? 8  DC  A "C2'" 1 
ATOM   159 C  "C1'" . DC  A 1 8 ? -8.648  -7.241  12.142  1.00 79.44  ? 8  DC  A "C1'" 1 
ATOM   160 N  N1    . DC  A 1 8 ? -9.317  -6.765  10.939  1.00 78.55  ? 8  DC  A N1    1 
ATOM   161 C  C2    . DC  A 1 8 ? -10.125 -5.663  11.053  1.00 78.89  ? 8  DC  A C2    1 
ATOM   162 O  O2    . DC  A 1 8 ? -10.222 -5.119  12.175  1.00 79.46  ? 8  DC  A O2    1 
ATOM   163 N  N3    . DC  A 1 8 ? -10.787 -5.209  9.955   1.00 78.53  ? 8  DC  A N3    1 
ATOM   164 C  C4    . DC  A 1 8 ? -10.651 -5.844  8.789   1.00 76.31  ? 8  DC  A C4    1 
ATOM   165 N  N4    . DC  A 1 8 ? -11.339 -5.396  7.740   1.00 75.19  ? 8  DC  A N4    1 
ATOM   166 C  C5    . DC  A 1 8 ? -9.807  -6.972  8.649   1.00 76.16  ? 8  DC  A C5    1 
ATOM   167 C  C6    . DC  A 1 8 ? -9.160  -7.392  9.738   1.00 77.38  ? 8  DC  A C6    1 
ATOM   168 O  "O5'" . DG  B 1 1 ? -15.526 3.333   9.930   1.00 92.91  ? 1  DG  B "O5'" 1 
ATOM   169 C  "C5'" . DG  B 1 1 ? -15.550 3.789   11.301  1.00 96.24  ? 1  DG  B "C5'" 1 
ATOM   170 C  "C4'" . DG  B 1 1 ? -14.222 3.778   12.032  1.00 97.73  ? 1  DG  B "C4'" 1 
ATOM   171 O  "O4'" . DG  B 1 1 ? -13.570 2.500   11.829  1.00 98.84  ? 1  DG  B "O4'" 1 
ATOM   172 C  "C3'" . DG  B 1 1 ? -13.186 4.809   11.584  1.00 98.85  ? 1  DG  B "C3'" 1 
ATOM   173 O  "O3'" . DG  B 1 1 ? -12.238 5.057   12.634  1.00 100.06 ? 1  DG  B "O3'" 1 
ATOM   174 C  "C2'" . DG  B 1 1 ? -12.474 4.077   10.463  1.00 98.33  ? 1  DG  B "C2'" 1 
ATOM   175 C  "C1'" . DG  B 1 1 ? -12.385 2.667   11.040  1.00 97.29  ? 1  DG  B "C1'" 1 
ATOM   176 N  N9    . DG  B 1 1 ? -12.352 1.597   10.039  1.00 94.89  ? 1  DG  B N9    1 
ATOM   177 C  C8    . DG  B 1 1 ? -12.890 1.636   8.772   1.00 93.95  ? 1  DG  B C8    1 
ATOM   178 N  N7    . DG  B 1 1 ? -12.721 0.523   8.110   1.00 92.41  ? 1  DG  B N7    1 
ATOM   179 C  C5    . DG  B 1 1 ? -12.030 -0.302  8.987   1.00 90.08  ? 1  DG  B C5    1 
ATOM   180 C  C6    . DG  B 1 1 ? -11.568 -1.617  8.819   1.00 87.82  ? 1  DG  B C6    1 
ATOM   181 O  O6    . DG  B 1 1 ? -11.667 -2.344  7.838   1.00 88.25  ? 1  DG  B O6    1 
ATOM   182 N  N1    . DG  B 1 1 ? -10.924 -2.080  9.944   1.00 86.35  ? 1  DG  B N1    1 
ATOM   183 C  C2    . DG  B 1 1 ? -10.742 -1.373  11.090  1.00 87.05  ? 1  DG  B C2    1 
ATOM   184 N  N2    . DG  B 1 1 ? -10.117 -2.026  12.067  1.00 87.26  ? 1  DG  B N2    1 
ATOM   185 N  N3    . DG  B 1 1 ? -11.151 -0.132  11.267  1.00 88.88  ? 1  DG  B N3    1 
ATOM   186 C  C4    . DG  B 1 1 ? -11.788 0.341   10.179  1.00 91.60  ? 1  DG  B C4    1 
HETATM 187 BR BR    . CBR B 1 2 ? -10.527 2.920   6.818   1.00 105.73 ? 2  CBR B BR    1 
HETATM 188 P  P     . CBR B 1 2 ? -11.287 6.355   12.560  1.00 101.83 ? 2  CBR B P     1 
HETATM 189 O  OP1   . CBR B 1 2 ? -11.414 7.050   13.868  1.00 102.00 ? 2  CBR B OP1   1 
HETATM 190 O  OP2   . CBR B 1 2 ? -11.578 7.092   11.307  1.00 101.38 ? 2  CBR B OP2   1 
HETATM 191 O  "O5'" . CBR B 1 2 ? -9.811  5.777   12.424  1.00 100.89 ? 2  CBR B "O5'" 1 
HETATM 192 N  N1    . CBR B 1 2 ? -8.249  2.083   10.122  1.00 101.34 ? 2  CBR B N1    1 
HETATM 193 C  C6    . CBR B 1 2 ? -8.898  2.739   9.123   1.00 102.16 ? 2  CBR B C6    1 
HETATM 194 C  C2    . CBR B 1 2 ? -8.128  0.679   10.085  1.00 101.51 ? 2  CBR B C2    1 
HETATM 195 O  O2    . CBR B 1 2 ? -7.544  0.072   11.003  1.00 99.53  ? 2  CBR B O2    1 
HETATM 196 N  N3    . CBR B 1 2 ? -8.652  0.015   9.039   1.00 102.29 ? 2  CBR B N3    1 
HETATM 197 C  C4    . CBR B 1 2 ? -9.267  0.683   8.070   1.00 102.16 ? 2  CBR B C4    1 
HETATM 198 N  N4    . CBR B 1 2 ? -9.733  0.014   7.033   1.00 102.55 ? 2  CBR B N4    1 
HETATM 199 C  C5    . CBR B 1 2 ? -9.423  2.070   8.104   1.00 102.35 ? 2  CBR B C5    1 
HETATM 200 C  "C2'" . CBR B 1 2 ? -7.032  4.156   10.889  1.00 101.14 ? 2  CBR B "C2'" 1 
HETATM 201 C  "C5'" . CBR B 1 2 ? -9.197  5.119   13.517  1.00 101.59 ? 2  CBR B "C5'" 1 
HETATM 202 C  "C4'" . CBR B 1 2 ? -8.131  4.170   13.025  1.00 102.03 ? 2  CBR B "C4'" 1 
HETATM 203 O  "O4'" . CBR B 1 2 ? -8.702  3.183   12.130  1.00 102.93 ? 2  CBR B "O4'" 1 
HETATM 204 C  "C1'" . CBR B 1 2 ? -7.667  2.830   11.239  1.00 102.49 ? 2  CBR B "C1'" 1 
HETATM 205 C  "C3'" . CBR B 1 2 ? -6.941  4.783   12.270  1.00 101.03 ? 2  CBR B "C3'" 1 
HETATM 206 O  "O3'" . CBR B 1 2 ? -5.730  4.324   12.879  1.00 99.86  ? 2  CBR B "O3'" 1 
ATOM   207 P  P     . DG  B 1 3 ? -4.331  5.018   12.503  1.00 99.35  ? 3  DG  B P     1 
ATOM   208 O  OP1   . DG  B 1 3 ? -3.644  5.378   13.763  1.00 101.36 ? 3  DG  B OP1   1 
ATOM   209 O  OP2   . DG  B 1 3 ? -4.594  6.070   11.492  1.00 100.42 ? 3  DG  B OP2   1 
ATOM   210 O  "O5'" . DG  B 1 3 ? -3.478  3.870   11.805  1.00 96.41  ? 3  DG  B "O5'" 1 
ATOM   211 C  "C5'" . DG  B 1 3 ? -3.509  2.547   12.285  1.00 93.20  ? 3  DG  B "C5'" 1 
ATOM   212 C  "C4'" . DG  B 1 3 ? -3.457  1.606   11.113  1.00 93.09  ? 3  DG  B "C4'" 1 
ATOM   213 O  "O4'" . DG  B 1 3 ? -4.585  1.921   10.269  1.00 92.31  ? 3  DG  B "O4'" 1 
ATOM   214 C  "C3'" . DG  B 1 3 ? -2.212  1.807   10.249  1.00 93.05  ? 3  DG  B "C3'" 1 
ATOM   215 O  "O3'" . DG  B 1 3 ? -1.427  0.612   10.265  1.00 95.53  ? 3  DG  B "O3'" 1 
ATOM   216 C  "C2'" . DG  B 1 3 ? -2.740  2.098   8.852   1.00 92.48  ? 3  DG  B "C2'" 1 
ATOM   217 C  "C1'" . DG  B 1 3 ? -4.221  1.740   8.919   1.00 92.03  ? 3  DG  B "C1'" 1 
ATOM   218 N  N9    . DG  B 1 3 ? -5.088  2.595   8.111   1.00 91.26  ? 3  DG  B N9    1 
ATOM   219 C  C8    . DG  B 1 3 ? -5.312  3.940   8.290   1.00 91.71  ? 3  DG  B C8    1 
ATOM   220 N  N7    . DG  B 1 3 ? -6.145  4.447   7.421   1.00 91.37  ? 3  DG  B N7    1 
ATOM   221 C  C5    . DG  B 1 3 ? -6.493  3.371   6.617   1.00 91.09  ? 3  DG  B C5    1 
ATOM   222 C  C6    . DG  B 1 3 ? -7.373  3.306   5.510   1.00 90.25  ? 3  DG  B C6    1 
ATOM   223 O  O6    . DG  B 1 3 ? -8.046  4.220   5.010   1.00 88.26  ? 3  DG  B O6    1 
ATOM   224 N  N1    . DG  B 1 3 ? -7.436  2.014   4.982   1.00 89.86  ? 3  DG  B N1    1 
ATOM   225 C  C2    . DG  B 1 3 ? -6.742  0.926   5.464   1.00 89.88  ? 3  DG  B C2    1 
ATOM   226 N  N2    . DG  B 1 3 ? -6.936  -0.241  4.828   1.00 89.23  ? 3  DG  B N2    1 
ATOM   227 N  N3    . DG  B 1 3 ? -5.917  0.977   6.500   1.00 90.18  ? 3  DG  B N3    1 
ATOM   228 C  C4    . DG  B 1 3 ? -5.844  2.219   7.026   1.00 90.94  ? 3  DG  B C4    1 
ATOM   229 P  P     . DG  B 1 4 ? 0.046   0.621   9.621   1.00 96.90  ? 4  DG  B P     1 
ATOM   230 O  OP1   . DG  B 1 4 ? 0.916   -0.295  10.423  1.00 96.13  ? 4  DG  B OP1   1 
ATOM   231 O  OP2   . DG  B 1 4 ? 0.414   2.050   9.481   1.00 98.30  ? 4  DG  B OP2   1 
ATOM   232 O  "O5'" . DG  B 1 4 ? -0.166  0.016   8.163   1.00 94.69  ? 4  DG  B "O5'" 1 
ATOM   233 C  "C5'" . DG  B 1 4 ? -0.814  -1.235  7.999   1.00 94.14  ? 4  DG  B "C5'" 1 
ATOM   234 C  "C4'" . DG  B 1 4 ? -1.452  -1.316  6.636   1.00 93.59  ? 4  DG  B "C4'" 1 
ATOM   235 O  "O4'" . DG  B 1 4 ? -2.521  -0.371  6.480   1.00 93.80  ? 4  DG  B "O4'" 1 
ATOM   236 C  "C3'" . DG  B 1 4 ? -0.512  -0.983  5.498   1.00 93.45  ? 4  DG  B "C3'" 1 
ATOM   237 O  "O3'" . DG  B 1 4 ? 0.227   -2.147  5.162   1.00 93.41  ? 4  DG  B "O3'" 1 
ATOM   238 C  "C2'" . DG  B 1 4 ? -1.464  -0.600  4.378   1.00 93.63  ? 4  DG  B "C2'" 1 
ATOM   239 C  "C1'" . DG  B 1 4 ? -2.771  -0.253  5.089   1.00 93.15  ? 4  DG  B "C1'" 1 
ATOM   240 N  N9    . DG  B 1 4 ? -3.213  1.108   4.830   1.00 93.61  ? 4  DG  B N9    1 
ATOM   241 C  C8    . DG  B 1 4 ? -3.138  2.179   5.679   1.00 93.67  ? 4  DG  B C8    1 
ATOM   242 N  N7    . DG  B 1 4 ? -3.601  3.281   5.154   1.00 94.10  ? 4  DG  B N7    1 
ATOM   243 C  C5    . DG  B 1 4 ? -3.998  2.911   3.876   1.00 93.19  ? 4  DG  B C5    1 
ATOM   244 C  C6    . DG  B 1 4 ? -4.553  3.684   2.826   1.00 92.66  ? 4  DG  B C6    1 
ATOM   245 O  O6    . DG  B 1 4 ? -4.789  4.894   2.798   1.00 92.55  ? 4  DG  B O6    1 
ATOM   246 N  N1    . DG  B 1 4 ? -4.823  2.906   1.713   1.00 93.82  ? 4  DG  B N1    1 
ATOM   247 C  C2    . DG  B 1 4 ? -4.574  1.563   1.610   1.00 94.97  ? 4  DG  B C2    1 
ATOM   248 N  N2    . DG  B 1 4 ? -4.917  0.975   0.447   1.00 96.21  ? 4  DG  B N2    1 
ATOM   249 N  N3    . DG  B 1 4 ? -4.033  0.840   2.571   1.00 95.09  ? 4  DG  B N3    1 
ATOM   250 C  C4    . DG  B 1 4 ? -3.776  1.572   3.668   1.00 93.92  ? 4  DG  B C4    1 
ATOM   251 P  P     . DG  B 1 5 ? 1.666   -1.998  4.489   1.00 92.33  ? 5  DG  B P     1 
ATOM   252 O  OP1   . DG  B 1 5 ? 2.524   -3.051  5.077   1.00 93.56  ? 5  DG  B OP1   1 
ATOM   253 O  OP2   . DG  B 1 5 ? 2.089   -0.581  4.549   1.00 91.26  ? 5  DG  B OP2   1 
ATOM   254 O  "O5'" . DG  B 1 5 ? 1.411   -2.339  2.966   1.00 91.55  ? 5  DG  B "O5'" 1 
ATOM   255 C  "C5'" . DG  B 1 5 ? 2.450   -2.187  2.035   1.00 91.74  ? 5  DG  B "C5'" 1 
ATOM   256 C  "C4'" . DG  B 1 5 ? 1.901   -1.661  0.736   1.00 92.35  ? 5  DG  B "C4'" 1 
ATOM   257 O  "O4'" . DG  B 1 5 ? 1.299   -0.373  0.924   1.00 92.52  ? 5  DG  B "O4'" 1 
ATOM   258 C  "C3'" . DG  B 1 5 ? 3.007   -1.421  -0.266  1.00 92.77  ? 5  DG  B "C3'" 1 
ATOM   259 O  "O3'" . DG  B 1 5 ? 3.154   -2.588  -1.034  1.00 92.70  ? 5  DG  B "O3'" 1 
ATOM   260 C  "C2'" . DG  B 1 5 ? 2.488   -0.285  -1.122  1.00 93.07  ? 5  DG  B "C2'" 1 
ATOM   261 C  "C1'" . DG  B 1 5 ? 1.364   0.331   -0.307  1.00 92.33  ? 5  DG  B "C1'" 1 
ATOM   262 N  N9    . DG  B 1 5 ? 1.508   1.746   -0.001  1.00 91.49  ? 5  DG  B N9    1 
ATOM   263 C  C8    . DG  B 1 5 ? 2.040   2.288   1.139   1.00 91.37  ? 5  DG  B C8    1 
ATOM   264 N  N7    . DG  B 1 5 ? 1.971   3.588   1.168   1.00 91.98  ? 5  DG  B N7    1 
ATOM   265 C  C5    . DG  B 1 5 ? 1.373   3.927   -0.036  1.00 91.99  ? 5  DG  B C5    1 
ATOM   266 C  C6    . DG  B 1 5 ? 1.020   5.196   -0.560  1.00 92.50  ? 5  DG  B C6    1 
ATOM   267 O  O6    . DG  B 1 5 ? 1.175   6.312   -0.050  1.00 92.86  ? 5  DG  B O6    1 
ATOM   268 N  N1    . DG  B 1 5 ? 0.429   5.082   -1.811  1.00 91.87  ? 5  DG  B N1    1 
ATOM   269 C  C2    . DG  B 1 5 ? 0.219   3.902   -2.477  1.00 91.76  ? 5  DG  B C2    1 
ATOM   270 N  N2    . DG  B 1 5 ? -0.341  4.000   -3.689  1.00 92.63  ? 5  DG  B N2    1 
ATOM   271 N  N3    . DG  B 1 5 ? 0.538   2.714   -1.997  1.00 91.47  ? 5  DG  B N3    1 
ATOM   272 C  C4    . DG  B 1 5 ? 1.103   2.801   -0.778  1.00 91.59  ? 5  DG  B C4    1 
ATOM   273 P  P     . DA  B 1 6 ? 4.616   -3.087  -1.399  1.00 94.49  ? 6  DA  B P     1 
ATOM   274 O  OP1   . DA  B 1 6 ? 5.068   -4.025  -0.347  1.00 94.22  ? 6  DA  B OP1   1 
ATOM   275 O  OP2   . DA  B 1 6 ? 5.424   -1.875  -1.694  1.00 93.80  ? 6  DA  B OP2   1 
ATOM   276 O  "O5'" . DA  B 1 6 ? 4.362   -3.894  -2.740  1.00 94.05  ? 6  DA  B "O5'" 1 
ATOM   277 C  "C5'" . DA  B 1 6 ? 3.052   -4.326  -3.065  1.00 93.74  ? 6  DA  B "C5'" 1 
ATOM   278 C  "C4'" . DA  B 1 6 ? 2.993   -4.721  -4.518  1.00 94.19  ? 6  DA  B "C4'" 1 
ATOM   279 O  "O4'" . DA  B 1 6 ? 3.277   -3.562  -5.332  1.00 94.04  ? 6  DA  B "O4'" 1 
ATOM   280 C  "C3'" . DA  B 1 6 ? 4.020   -5.778  -4.933  1.00 94.38  ? 6  DA  B "C3'" 1 
ATOM   281 O  "O3'" . DA  B 1 6 ? 3.417   -6.635  -5.909  1.00 95.29  ? 6  DA  B "O3'" 1 
ATOM   282 C  "C2'" . DA  B 1 6 ? 5.131   -4.949  -5.549  1.00 93.84  ? 6  DA  B "C2'" 1 
ATOM   283 C  "C1'" . DA  B 1 6 ? 4.307   -3.887  -6.249  1.00 93.81  ? 6  DA  B "C1'" 1 
ATOM   284 N  N9    . DA  B 1 6 ? 4.984   -2.645  -6.613  1.00 93.25  ? 6  DA  B N9    1 
ATOM   285 C  C8    . DA  B 1 6 ? 5.967   -1.948  -5.951  1.00 93.09  ? 6  DA  B C8    1 
ATOM   286 N  N7    . DA  B 1 6 ? 6.294   -0.821  -6.533  1.00 92.71  ? 6  DA  B N7    1 
ATOM   287 C  C5    . DA  B 1 6 ? 5.477   -0.778  -7.657  1.00 92.47  ? 6  DA  B C5    1 
ATOM   288 C  C6    . DA  B 1 6 ? 5.314   0.174   -8.676  1.00 92.76  ? 6  DA  B C6    1 
ATOM   289 N  N6    . DA  B 1 6 ? 5.961   1.343   -8.711  1.00 93.81  ? 6  DA  B N6    1 
ATOM   290 N  N1    . DA  B 1 6 ? 4.439   -0.108  -9.659  1.00 92.22  ? 6  DA  B N1    1 
ATOM   291 C  C2    . DA  B 1 6 ? 3.756   -1.256  -9.596  1.00 92.19  ? 6  DA  B C2    1 
ATOM   292 N  N3    . DA  B 1 6 ? 3.799   -2.212  -8.680  1.00 91.12  ? 6  DA  B N3    1 
ATOM   293 C  C4    . DA  B 1 6 ? 4.690   -1.908  -7.729  1.00 92.00  ? 6  DA  B C4    1 
ATOM   294 P  P     . DG  B 1 7 ? 4.128   -8.013  -6.313  1.00 94.76  ? 7  DG  B P     1 
ATOM   295 O  OP1   . DG  B 1 7 ? 3.085   -9.042  -6.576  1.00 94.45  ? 7  DG  B OP1   1 
ATOM   296 O  OP2   . DG  B 1 7 ? 5.163   -8.247  -5.275  1.00 95.83  ? 7  DG  B OP2   1 
ATOM   297 O  "O5'" . DG  B 1 7 ? 4.826   -7.665  -7.692  1.00 92.79  ? 7  DG  B "O5'" 1 
ATOM   298 C  "C5'" . DG  B 1 7 ? 4.106   -6.944  -8.679  1.00 92.14  ? 7  DG  B "C5'" 1 
ATOM   299 C  "C4'" . DG  B 1 7 ? 5.060   -6.122  -9.504  1.00 91.52  ? 7  DG  B "C4'" 1 
ATOM   300 O  "O4'" . DG  B 1 7 ? 5.564   -4.984  -8.787  1.00 92.31  ? 7  DG  B "O4'" 1 
ATOM   301 C  "C3'" . DG  B 1 7 ? 6.301   -6.904  -9.888  1.00 90.58  ? 7  DG  B "C3'" 1 
ATOM   302 O  "O3'" . DG  B 1 7 ? 6.108   -7.452  -11.162 1.00 89.22  ? 7  DG  B "O3'" 1 
ATOM   303 C  "C2'" . DG  B 1 7 ? 7.419   -5.875  -9.914  1.00 90.52  ? 7  DG  B "C2'" 1 
ATOM   304 C  "C1'" . DG  B 1 7 ? 6.746   -4.590  -9.464  1.00 91.78  ? 7  DG  B "C1'" 1 
ATOM   305 N  N9    . DG  B 1 7 ? 7.527   -3.745  -8.565  1.00 91.76  ? 7  DG  B N9    1 
ATOM   306 C  C8    . DG  B 1 7 ? 8.018   -4.056  -7.315  1.00 92.13  ? 7  DG  B C8    1 
ATOM   307 N  N7    . DG  B 1 7 ? 8.648   -3.062  -6.750  1.00 90.64  ? 7  DG  B N7    1 
ATOM   308 C  C5    . DG  B 1 7 ? 8.575   -2.044  -7.686  1.00 90.47  ? 7  DG  B C5    1 
ATOM   309 C  C6    . DG  B 1 7 ? 9.063   -0.745  -7.636  1.00 90.03  ? 7  DG  B C6    1 
ATOM   310 O  O6    . DG  B 1 7 ? 9.654   -0.203  -6.718  1.00 89.23  ? 7  DG  B O6    1 
ATOM   311 N  N1    . DG  B 1 7 ? 8.787   -0.042  -8.809  1.00 90.35  ? 7  DG  B N1    1 
ATOM   312 C  C2    . DG  B 1 7 ? 8.096   -0.541  -9.889  1.00 90.10  ? 7  DG  B C2    1 
ATOM   313 N  N2    . DG  B 1 7 ? 7.893   0.286   -10.930 1.00 89.15  ? 7  DG  B N2    1 
ATOM   314 N  N3    . DG  B 1 7 ? 7.625   -1.762  -9.940  1.00 90.80  ? 7  DG  B N3    1 
ATOM   315 C  C4    . DG  B 1 7 ? 7.897   -2.454  -8.815  1.00 90.92  ? 7  DG  B C4    1 
ATOM   316 P  P     . DC  B 1 8 ? 7.289   -8.264  -11.832 1.00 89.76  ? 8  DC  B P     1 
ATOM   317 O  OP1   . DC  B 1 8 ? 6.611   -9.229  -12.720 1.00 91.32  ? 8  DC  B OP1   1 
ATOM   318 O  OP2   . DC  B 1 8 ? 8.218   -8.759  -10.778 1.00 89.58  ? 8  DC  B OP2   1 
ATOM   319 O  "O5'" . DC  B 1 8 ? 8.041   -7.153  -12.690 1.00 88.98  ? 8  DC  B "O5'" 1 
ATOM   320 C  "C5'" . DC  B 1 8 ? 7.424   -6.576  -13.839 1.00 86.00  ? 8  DC  B "C5'" 1 
ATOM   321 C  "C4'" . DC  B 1 8 ? 8.154   -5.317  -14.244 1.00 83.56  ? 8  DC  B "C4'" 1 
ATOM   322 O  "O4'" . DC  B 1 8 ? 8.119   -4.375  -13.158 1.00 81.91  ? 8  DC  B "O4'" 1 
ATOM   323 C  "C3'" . DC  B 1 8 ? 9.642   -5.451  -14.564 1.00 82.02  ? 8  DC  B "C3'" 1 
ATOM   324 O  "O3'" . DC  B 1 8 ? 9.954   -5.983  -15.855 1.00 81.24  ? 8  DC  B "O3'" 1 
ATOM   325 C  "C2'" . DC  B 1 8 ? 10.136  -4.029  -14.388 1.00 80.94  ? 8  DC  B "C2'" 1 
ATOM   326 C  "C1'" . DC  B 1 8 ? 9.163   -3.434  -13.364 1.00 80.47  ? 8  DC  B "C1'" 1 
ATOM   327 N  N1    . DC  B 1 8 ? 9.798   -3.179  -12.077 1.00 79.42  ? 8  DC  B N1    1 
ATOM   328 C  C2    . DC  B 1 8 ? 10.497  -2.006  -11.930 1.00 79.46  ? 8  DC  B C2    1 
ATOM   329 O  O2    . DC  B 1 8 ? 10.528  -1.216  -12.899 1.00 79.49  ? 8  DC  B O2    1 
ATOM   330 N  N3    . DC  B 1 8 ? 11.129  -1.751  -10.752 1.00 79.06  ? 8  DC  B N3    1 
ATOM   331 C  C4    . DC  B 1 8 ? 11.070  -2.645  -9.761  1.00 77.13  ? 8  DC  B C4    1 
ATOM   332 N  N4    . DC  B 1 8 ? 11.725  -2.385  -8.631  1.00 75.65  ? 8  DC  B N4    1 
ATOM   333 C  C5    . DC  B 1 8 ? 10.339  -3.854  -9.888  1.00 77.18  ? 8  DC  B C5    1 
ATOM   334 C  C6    . DC  B 1 8 ? 9.718   -4.076  -11.050 1.00 78.35  ? 8  DC  B C6    1 
HETATM 335 CA CA    . CA  C 2 . ? 9.053   9.303   -3.124  0.33 93.37  ? 11 CA  A CA    1 
HETATM 336 NA NA    . NA  D 3 . ? 4.669   8.876   -1.222  0.33 93.37  ? 13 NA  A NA    1 
HETATM 337 NA NA    . NA  E 3 . ? -0.399  8.381   0.976   0.33 69.92  ? 15 NA  A NA    1 
HETATM 338 NA NA    . NA  F 3 . ? -9.275  -4.701  3.175   1.00 108.58 ? 21 NA  A NA    1 
HETATM 339 CA CA    . CA  G 2 . ? -9.849  7.459   5.075   0.33 93.37  ? 12 CA  B CA    1 
HETATM 340 NA NA    . NA  H 3 . ? -5.465  7.887   3.174   0.33 93.37  ? 14 NA  B NA    1 
HETATM 341 NA NA    . NA  I 3 . ? 9.644   -2.915  -4.055  1.00 108.74 ? 22 NA  B NA    1 
HETATM 342 O  O     . HOH J 4 . ? -4.529  0.920   -2.917  1.00 73.89  ? 32 HOH A O     1 
HETATM 343 O  O     . HOH K 4 . ? 4.445   0.652   3.113   1.00 70.59  ? 31 HOH B O     1 
# 
